data_2C7I
#
_entry.id   2C7I
#
_cell.length_a   53.230
_cell.length_b   118.356
_cell.length_c   105.592
_cell.angle_alpha   90.00
_cell.angle_beta   93.75
_cell.angle_gamma   90.00
#
_symmetry.space_group_name_H-M   'P 1 21 1'
#
loop_
_entity.id
_entity.type
_entity.pdbx_description
1 polymer 'PUTATIVE LIPOATE PROTEIN LIGASE'
2 water water
#
_entity_poly.entity_id   1
_entity_poly.type   'polypeptide(L)'
_entity_poly.pdbx_seq_one_letter_code
;MEGRLLLLETPGNTRMSLAYDEAIYRSFQYGDKPILRFYRHDRSVIIGYFQVAEEEVDLDYMKKNGIMLARRYTGGGAVY
HDLGDLNFSVVRSSDDMDITSMFRTMNEAVVNSLRILGLDARPGELNDVSIPVNKKTDIMAGEKKIMGAAGAMRKGAKLW
HAAMLVHTDLDMLSAVLKVPDEKFRDKIAKSTRERVANVTDFVDVSIDEVRNALIRGFSETLHIDFREDTITEKEESLAR
ELFDKKYSTEEWNMGLLRKEVV
;
_entity_poly.pdbx_strand_id   A,B,C,D
#
# COMPACT_ATOMS: atom_id res chain seq x y z
N MET A 1 15.87 -25.76 -10.33
CA MET A 1 16.39 -24.37 -10.25
C MET A 1 16.88 -24.12 -8.85
N GLU A 2 17.96 -23.37 -8.73
CA GLU A 2 18.58 -23.12 -7.43
C GLU A 2 18.22 -21.74 -6.88
N GLY A 3 17.90 -21.68 -5.60
CA GLY A 3 17.67 -20.42 -4.96
C GLY A 3 18.66 -20.16 -3.82
N ARG A 4 18.62 -18.93 -3.31
CA ARG A 4 19.48 -18.50 -2.21
C ARG A 4 18.63 -18.45 -0.97
N LEU A 5 19.00 -19.22 0.04
CA LEU A 5 18.36 -19.14 1.34
C LEU A 5 19.21 -18.27 2.29
N LEU A 6 18.72 -17.08 2.62
CA LEU A 6 19.51 -16.17 3.43
C LEU A 6 18.99 -16.20 4.88
N LEU A 7 19.81 -16.63 5.82
CA LEU A 7 19.42 -16.62 7.22
C LEU A 7 19.91 -15.32 7.88
N LEU A 8 19.51 -14.20 7.30
CA LEU A 8 20.11 -12.92 7.60
C LEU A 8 19.18 -12.08 8.48
N GLU A 9 19.57 -11.81 9.72
CA GLU A 9 18.75 -11.02 10.65
C GLU A 9 19.57 -10.09 11.54
N THR A 10 19.03 -8.90 11.80
CA THR A 10 19.56 -7.97 12.80
C THR A 10 18.40 -7.55 13.68
N PRO A 11 17.99 -8.45 14.55
CA PRO A 11 16.79 -8.27 15.38
C PRO A 11 16.91 -7.07 16.29
N GLY A 12 18.14 -6.73 16.65
CA GLY A 12 18.40 -5.56 17.47
C GLY A 12 18.34 -4.25 16.70
N ASN A 13 18.12 -4.35 15.39
CA ASN A 13 18.04 -3.16 14.53
C ASN A 13 17.02 -3.34 13.39
N THR A 14 15.75 -3.10 13.68
CA THR A 14 14.71 -3.37 12.71
C THR A 14 14.90 -2.52 11.46
N ARG A 15 15.34 -1.28 11.64
CA ARG A 15 15.52 -0.36 10.53
C ARG A 15 16.57 -0.86 9.55
N MET A 16 17.60 -1.53 10.06
CA MET A 16 18.60 -2.15 9.19
C MET A 16 18.08 -3.43 8.51
N SER A 17 17.27 -4.19 9.24
CA SER A 17 16.64 -5.40 8.70
C SER A 17 15.79 -5.09 7.46
N LEU A 18 15.04 -4.01 7.56
CA LEU A 18 14.21 -3.50 6.44
C LEU A 18 15.03 -2.94 5.31
N ALA A 19 16.15 -2.27 5.64
CA ALA A 19 17.13 -1.88 4.63
C ALA A 19 17.61 -3.10 3.82
N TYR A 20 17.97 -4.18 4.52
CA TYR A 20 18.33 -5.42 3.83
C TYR A 20 17.33 -5.89 2.78
N ASP A 21 16.04 -5.90 3.12
CA ASP A 21 14.99 -6.37 2.19
C ASP A 21 14.97 -5.46 1.00
N GLU A 22 14.91 -4.13 1.24
CA GLU A 22 14.92 -3.21 0.10
C GLU A 22 16.16 -3.35 -0.74
N ALA A 23 17.33 -3.56 -0.10
CA ALA A 23 18.59 -3.70 -0.83
C ALA A 23 18.58 -4.93 -1.71
N ILE A 24 18.15 -6.06 -1.15
CA ILE A 24 18.09 -7.31 -1.92
C ILE A 24 17.10 -7.25 -3.08
N TYR A 25 15.99 -6.56 -2.85
CA TYR A 25 14.95 -6.42 -3.87
C TYR A 25 15.41 -5.49 -5.00
N ARG A 26 16.15 -4.46 -4.64
CA ARG A 26 16.53 -3.41 -5.56
CA ARG A 26 16.48 -3.44 -5.62
C ARG A 26 17.78 -3.72 -6.37
N SER A 27 18.66 -4.54 -5.82
CA SER A 27 19.84 -4.91 -6.60
C SER A 27 19.58 -6.15 -7.45
N PHE A 28 18.45 -6.80 -7.21
CA PHE A 28 18.07 -7.97 -8.00
C PHE A 28 18.01 -7.64 -9.49
N GLN A 29 18.60 -8.50 -10.31
CA GLN A 29 18.47 -8.40 -11.76
C GLN A 29 17.72 -9.59 -12.33
N TYR A 30 16.77 -9.32 -13.23
CA TYR A 30 15.99 -10.37 -13.85
C TYR A 30 16.93 -11.51 -14.25
N GLY A 31 16.60 -12.73 -13.83
CA GLY A 31 17.44 -13.89 -14.12
C GLY A 31 18.27 -14.36 -12.93
N ASP A 32 18.45 -13.50 -11.94
CA ASP A 32 19.19 -13.89 -10.72
C ASP A 32 18.49 -15.07 -10.06
N LYS A 33 19.17 -15.75 -9.13
CA LYS A 33 18.53 -16.82 -8.36
C LYS A 33 17.47 -16.21 -7.43
N PRO A 34 16.34 -16.89 -7.26
CA PRO A 34 15.33 -16.44 -6.32
C PRO A 34 15.86 -16.49 -4.87
N ILE A 35 15.37 -15.58 -4.04
CA ILE A 35 15.91 -15.39 -2.69
C ILE A 35 14.78 -15.60 -1.69
N LEU A 36 14.99 -16.51 -0.73
CA LEU A 36 14.13 -16.65 0.44
C LEU A 36 14.90 -16.21 1.70
N ARG A 37 14.49 -15.12 2.35
CA ARG A 37 15.21 -14.65 3.55
C ARG A 37 14.34 -14.93 4.76
N PHE A 38 14.95 -15.44 5.83
CA PHE A 38 14.28 -15.62 7.14
C PHE A 38 14.94 -14.69 8.19
N TYR A 39 14.11 -14.03 8.99
CA TYR A 39 14.60 -13.12 10.01
C TYR A 39 13.56 -12.88 11.10
N ARG A 40 14.00 -12.41 12.26
CA ARG A 40 13.10 -11.83 13.25
C ARG A 40 13.49 -10.39 13.56
N HIS A 41 12.51 -9.60 14.02
CA HIS A 41 12.81 -8.36 14.71
C HIS A 41 12.48 -8.47 16.19
N ASP A 42 13.18 -7.67 17.00
CA ASP A 42 12.80 -7.48 18.39
C ASP A 42 11.74 -6.39 18.38
N ARG A 43 11.19 -6.13 19.54
CA ARG A 43 10.00 -5.27 19.69
C ARG A 43 10.03 -4.09 18.76
N SER A 44 9.12 -4.09 17.80
CA SER A 44 9.13 -3.07 16.77
C SER A 44 7.69 -2.91 16.26
N VAL A 45 7.32 -1.69 15.87
CA VAL A 45 6.11 -1.49 15.08
C VAL A 45 6.64 -1.08 13.69
N ILE A 46 6.18 -1.75 12.65
CA ILE A 46 6.57 -1.42 11.28
C ILE A 46 5.33 -0.88 10.60
N ILE A 47 5.41 0.38 10.16
CA ILE A 47 4.32 0.99 9.41
C ILE A 47 4.54 0.91 7.88
N GLY A 48 3.44 0.93 7.16
CA GLY A 48 3.55 0.89 5.70
C GLY A 48 4.12 2.18 5.16
N TYR A 49 4.67 2.11 3.95
CA TYR A 49 5.22 3.25 3.26
C TYR A 49 4.35 4.52 3.22
N PHE A 50 3.04 4.37 3.05
CA PHE A 50 2.16 5.53 2.86
C PHE A 50 1.50 5.94 4.17
N GLN A 51 1.90 5.34 5.29
CA GLN A 51 1.16 5.60 6.54
C GLN A 51 1.64 6.81 7.35
N VAL A 52 0.70 7.45 8.02
CA VAL A 52 1.00 8.49 9.00
C VAL A 52 1.17 7.78 10.35
N ALA A 53 2.36 7.87 10.94
CA ALA A 53 2.67 7.13 12.16
C ALA A 53 1.70 7.38 13.32
N GLU A 54 1.44 8.64 13.63
CA GLU A 54 0.66 9.01 14.81
C GLU A 54 -0.80 8.59 14.71
N GLU A 55 -1.23 8.39 13.47
CA GLU A 55 -2.57 7.91 13.18
C GLU A 55 -2.66 6.42 13.37
N GLU A 56 -1.53 5.74 13.27
CA GLU A 56 -1.52 4.28 13.23
C GLU A 56 -1.07 3.65 14.55
N VAL A 57 -0.19 4.33 15.26
CA VAL A 57 0.34 3.76 16.47
C VAL A 57 0.41 4.74 17.58
N ASP A 58 0.31 4.21 18.78
CA ASP A 58 0.47 4.99 19.96
C ASP A 58 1.96 5.20 20.16
N LEU A 59 2.44 6.39 19.82
CA LEU A 59 3.87 6.63 19.83
C LEU A 59 4.40 6.82 21.22
N ASP A 60 3.57 7.39 22.09
CA ASP A 60 3.95 7.63 23.48
C ASP A 60 4.23 6.32 24.22
N TYR A 61 3.31 5.38 24.06
CA TYR A 61 3.41 4.04 24.64
C TYR A 61 4.49 3.17 23.99
N MET A 62 4.91 3.53 22.76
CA MET A 62 6.04 2.87 22.12
C MET A 62 7.34 3.22 22.79
N LYS A 63 7.64 4.52 22.89
CA LYS A 63 8.79 4.98 23.65
C LYS A 63 8.82 4.23 24.98
N LYS A 64 7.82 4.50 25.81
CA LYS A 64 7.74 3.92 27.17
C LYS A 64 8.01 2.41 27.22
N ASN A 65 7.63 1.68 26.19
CA ASN A 65 7.84 0.23 26.19
C ASN A 65 9.04 -0.19 25.37
N GLY A 66 9.90 0.76 25.00
CA GLY A 66 11.08 0.45 24.19
C GLY A 66 10.77 -0.21 22.85
N ILE A 67 9.68 0.21 22.23
CA ILE A 67 9.29 -0.31 20.93
C ILE A 67 9.80 0.58 19.80
N MET A 68 10.59 -0.01 18.90
CA MET A 68 11.12 0.71 17.76
C MET A 68 10.03 0.96 16.71
N LEU A 69 9.94 2.20 16.25
CA LEU A 69 9.18 2.51 15.04
C LEU A 69 10.06 2.44 13.81
N ALA A 70 9.60 1.73 12.78
CA ALA A 70 10.27 1.68 11.50
C ALA A 70 9.26 1.80 10.38
N ARG A 71 9.60 2.52 9.33
CA ARG A 71 8.77 2.49 8.11
C ARG A 71 9.41 1.55 7.11
N ARG A 72 8.61 0.70 6.44
CA ARG A 72 9.14 -0.17 5.40
C ARG A 72 8.81 0.39 4.02
N TYR A 73 9.36 -0.26 3.02
CA TYR A 73 9.21 0.11 1.64
C TYR A 73 7.86 -0.27 1.03
N THR A 74 7.27 -1.40 1.47
CA THR A 74 6.01 -1.82 0.87
C THR A 74 4.88 -1.04 1.48
N GLY A 75 3.73 -1.10 0.83
CA GLY A 75 2.52 -0.56 1.40
C GLY A 75 1.90 -1.53 2.37
N GLY A 76 0.65 -1.27 2.70
CA GLY A 76 -0.09 -2.11 3.66
C GLY A 76 -0.09 -1.41 4.99
N GLY A 77 -0.59 -2.08 6.01
CA GLY A 77 -0.82 -1.42 7.30
C GLY A 77 0.28 -1.73 8.30
N ALA A 78 0.03 -1.30 9.53
CA ALA A 78 0.98 -1.33 10.63
C ALA A 78 0.97 -2.69 11.34
N VAL A 79 2.12 -3.15 11.80
CA VAL A 79 2.21 -4.47 12.45
C VAL A 79 3.23 -4.43 13.59
N TYR A 80 2.97 -5.16 14.66
CA TYR A 80 3.94 -5.26 15.75
C TYR A 80 4.71 -6.57 15.55
N HIS A 81 6.03 -6.51 15.69
CA HIS A 81 6.90 -7.66 15.63
C HIS A 81 7.61 -7.78 16.97
N ASP A 82 7.89 -9.01 17.38
CA ASP A 82 8.83 -9.24 18.47
C ASP A 82 9.48 -10.58 18.10
N LEU A 83 10.29 -11.13 18.99
CA LEU A 83 11.10 -12.30 18.61
C LEU A 83 10.28 -13.57 18.42
N GLY A 84 9.01 -13.50 18.82
CA GLY A 84 8.04 -14.59 18.55
C GLY A 84 7.38 -14.57 17.15
N ASP A 85 7.69 -13.57 16.33
CA ASP A 85 7.22 -13.47 14.94
C ASP A 85 8.35 -13.91 14.06
N LEU A 86 8.11 -14.81 13.13
CA LEU A 86 9.09 -15.16 12.11
C LEU A 86 8.78 -14.38 10.83
N ASN A 87 9.72 -13.53 10.40
CA ASN A 87 9.61 -12.90 9.09
C ASN A 87 10.32 -13.70 7.99
N PHE A 88 9.80 -13.61 6.77
CA PHE A 88 10.47 -14.19 5.62
C PHE A 88 10.08 -13.35 4.40
N SER A 89 11.01 -13.21 3.46
CA SER A 89 10.79 -12.43 2.25
C SER A 89 11.25 -13.23 1.07
N VAL A 90 10.61 -13.00 -0.07
CA VAL A 90 10.97 -13.67 -1.32
C VAL A 90 11.16 -12.60 -2.37
N VAL A 91 12.31 -12.63 -3.03
CA VAL A 91 12.53 -11.78 -4.19
C VAL A 91 12.80 -12.70 -5.38
N ARG A 92 12.06 -12.55 -6.46
CA ARG A 92 12.22 -13.39 -7.66
C ARG A 92 12.08 -12.52 -8.90
N SER A 93 12.57 -13.03 -10.02
CA SER A 93 12.31 -12.46 -11.33
C SER A 93 10.80 -12.38 -11.64
N SER A 94 10.39 -11.34 -12.35
CA SER A 94 8.98 -11.12 -12.62
C SER A 94 8.76 -10.80 -14.10
N ASP A 95 7.76 -11.42 -14.72
CA ASP A 95 7.47 -11.21 -16.13
C ASP A 95 6.23 -10.35 -16.33
N ASP A 96 5.60 -10.00 -15.22
CA ASP A 96 4.33 -9.30 -15.28
C ASP A 96 4.15 -8.40 -14.05
N MET A 97 3.02 -7.71 -13.99
CA MET A 97 2.71 -6.83 -12.87
C MET A 97 1.50 -7.39 -12.13
N ASP A 98 1.37 -8.70 -12.17
CA ASP A 98 0.21 -9.37 -11.59
C ASP A 98 0.46 -9.61 -10.10
N ILE A 99 0.15 -8.62 -9.28
CA ILE A 99 0.42 -8.69 -7.86
C ILE A 99 -0.52 -9.66 -7.16
N THR A 100 -1.75 -9.75 -7.68
CA THR A 100 -2.72 -10.68 -7.18
C THR A 100 -2.21 -12.13 -7.21
N SER A 101 -1.55 -12.53 -8.30
CA SER A 101 -1.05 -13.90 -8.46
C SER A 101 0.18 -14.14 -7.63
N MET A 102 0.96 -13.08 -7.40
CA MET A 102 2.10 -13.21 -6.50
C MET A 102 1.60 -13.57 -5.12
N PHE A 103 0.66 -12.79 -4.60
CA PHE A 103 0.15 -13.12 -3.28
C PHE A 103 -0.45 -14.52 -3.24
N ARG A 104 -1.23 -14.86 -4.26
CA ARG A 104 -1.87 -16.17 -4.29
C ARG A 104 -0.82 -17.28 -4.30
N THR A 105 0.23 -17.11 -5.10
CA THR A 105 1.28 -18.14 -5.19
C THR A 105 2.06 -18.29 -3.89
N MET A 106 2.37 -17.17 -3.26
CA MET A 106 3.14 -17.22 -2.02
C MET A 106 2.27 -17.80 -0.91
N ASN A 107 0.99 -17.46 -0.94
CA ASN A 107 0.04 -17.96 0.05
C ASN A 107 -0.12 -19.48 -0.04
N GLU A 108 -0.15 -19.98 -1.27
CA GLU A 108 -0.18 -21.42 -1.50
C GLU A 108 1.02 -22.10 -0.87
N ALA A 109 2.20 -21.52 -1.06
CA ALA A 109 3.44 -22.06 -0.47
C ALA A 109 3.39 -22.01 1.06
N VAL A 110 2.86 -20.94 1.61
CA VAL A 110 2.64 -20.92 3.07
C VAL A 110 1.66 -21.99 3.55
N VAL A 111 0.52 -22.10 2.87
CA VAL A 111 -0.50 -23.06 3.26
C VAL A 111 0.09 -24.47 3.26
N ASN A 112 0.88 -24.76 2.23
CA ASN A 112 1.51 -26.07 2.07
C ASN A 112 2.53 -26.32 3.18
N SER A 113 3.29 -25.27 3.53
CA SER A 113 4.25 -25.33 4.61
C SER A 113 3.59 -25.62 5.95
N LEU A 114 2.48 -24.94 6.24
CA LEU A 114 1.80 -25.13 7.52
C LEU A 114 1.19 -26.53 7.62
N ARG A 115 0.68 -27.05 6.51
CA ARG A 115 0.17 -28.41 6.46
C ARG A 115 1.21 -29.40 7.00
N ILE A 116 2.48 -29.12 6.69
CA ILE A 116 3.60 -29.99 7.12
C ILE A 116 3.63 -30.03 8.64
N LEU A 117 3.29 -28.91 9.27
CA LEU A 117 3.25 -28.79 10.72
C LEU A 117 1.95 -29.30 11.34
N GLY A 118 0.99 -29.66 10.51
CA GLY A 118 -0.32 -30.10 11.01
C GLY A 118 -1.27 -28.93 11.29
N LEU A 119 -0.99 -27.77 10.71
CA LEU A 119 -1.85 -26.60 10.88
C LEU A 119 -2.58 -26.27 9.56
N ASP A 120 -3.91 -26.22 9.65
CA ASP A 120 -4.76 -25.96 8.51
C ASP A 120 -5.01 -24.45 8.44
N ALA A 121 -4.65 -23.84 7.32
CA ALA A 121 -4.84 -22.40 7.18
C ALA A 121 -5.12 -22.08 5.71
N ARG A 122 -5.71 -20.92 5.45
CA ARG A 122 -6.04 -20.47 4.11
C ARG A 122 -5.82 -18.96 4.05
N PRO A 123 -5.50 -18.43 2.87
CA PRO A 123 -5.50 -16.97 2.70
C PRO A 123 -6.89 -16.40 2.89
N GLY A 124 -6.98 -15.24 3.53
CA GLY A 124 -8.27 -14.62 3.68
C GLY A 124 -8.91 -14.35 2.33
N GLU A 125 -10.18 -13.95 2.35
CA GLU A 125 -11.04 -13.94 1.19
C GLU A 125 -11.53 -12.54 0.78
N LEU A 126 -11.30 -11.53 1.62
CA LEU A 126 -11.90 -10.20 1.40
C LEU A 126 -10.96 -9.28 0.68
N ASN A 127 -11.50 -8.44 -0.19
CA ASN A 127 -10.70 -7.48 -0.93
C ASN A 127 -10.46 -6.18 -0.18
N ASP A 128 -11.16 -6.00 0.94
CA ASP A 128 -11.09 -4.75 1.70
C ASP A 128 -9.73 -4.57 2.40
N VAL A 129 -8.89 -3.70 1.82
CA VAL A 129 -7.51 -3.52 2.25
C VAL A 129 -7.35 -2.92 3.66
N SER A 130 -8.44 -2.41 4.23
CA SER A 130 -8.34 -1.70 5.50
C SER A 130 -8.76 -2.47 6.74
N ILE A 131 -9.22 -3.70 6.58
CA ILE A 131 -9.70 -4.49 7.70
C ILE A 131 -8.54 -5.22 8.37
N PRO A 132 -8.69 -5.50 9.65
CA PRO A 132 -7.62 -6.14 10.42
C PRO A 132 -7.27 -7.58 9.99
N VAL A 133 -8.26 -8.41 9.68
CA VAL A 133 -8.03 -9.83 9.31
C VAL A 133 -8.88 -10.27 8.11
N ASN A 134 -8.64 -11.47 7.57
CA ASN A 134 -9.41 -12.00 6.45
C ASN A 134 -9.18 -11.29 5.11
N LYS A 135 -8.02 -10.63 4.96
CA LYS A 135 -7.61 -10.03 3.70
C LYS A 135 -6.93 -11.09 2.85
N LYS A 136 -6.83 -10.85 1.55
CA LYS A 136 -6.13 -11.79 0.62
C LYS A 136 -4.64 -11.88 0.83
N THR A 137 -4.09 -10.93 1.60
CA THR A 137 -2.66 -10.97 1.99
C THR A 137 -2.45 -11.64 3.35
N ASP A 138 -3.53 -11.87 4.10
CA ASP A 138 -3.48 -12.55 5.40
C ASP A 138 -3.58 -14.08 5.22
N ILE A 139 -2.97 -14.83 6.14
CA ILE A 139 -3.21 -16.27 6.21
C ILE A 139 -3.96 -16.48 7.52
N MET A 140 -5.04 -17.25 7.43
CA MET A 140 -6.04 -17.39 8.50
C MET A 140 -6.10 -18.84 8.90
N ALA A 141 -5.98 -19.11 10.19
CA ALA A 141 -6.24 -20.44 10.74
C ALA A 141 -7.68 -20.38 11.18
N GLY A 142 -8.56 -20.78 10.27
CA GLY A 142 -9.97 -20.58 10.46
C GLY A 142 -10.22 -19.09 10.59
N GLU A 143 -10.85 -18.71 11.70
CA GLU A 143 -11.23 -17.33 11.97
C GLU A 143 -10.07 -16.42 12.48
N LYS A 144 -8.93 -17.01 12.78
CA LYS A 144 -7.81 -16.29 13.39
C LYS A 144 -6.72 -15.94 12.35
N LYS A 145 -6.31 -14.67 12.31
CA LYS A 145 -5.12 -14.33 11.52
C LYS A 145 -3.84 -14.82 12.22
N ILE A 146 -2.98 -15.55 11.49
CA ILE A 146 -1.71 -16.00 12.02
C ILE A 146 -0.51 -15.42 11.23
N MET A 147 -0.79 -14.68 10.16
CA MET A 147 0.25 -14.16 9.31
C MET A 147 -0.27 -13.06 8.40
N GLY A 148 0.53 -12.02 8.24
CA GLY A 148 0.23 -10.97 7.25
C GLY A 148 1.40 -10.81 6.30
N ALA A 149 1.19 -10.11 5.20
CA ALA A 149 2.21 -9.96 4.17
C ALA A 149 2.00 -8.67 3.37
N ALA A 150 3.08 -8.18 2.77
CA ALA A 150 2.95 -7.07 1.83
C ALA A 150 3.92 -7.32 0.69
N GLY A 151 3.87 -6.50 -0.33
CA GLY A 151 4.56 -6.85 -1.56
C GLY A 151 4.84 -5.64 -2.43
N ALA A 152 5.75 -5.79 -3.37
CA ALA A 152 5.98 -4.72 -4.33
C ALA A 152 6.43 -5.38 -5.61
N MET A 153 6.19 -4.68 -6.73
CA MET A 153 6.59 -5.22 -8.01
C MET A 153 7.17 -4.10 -8.87
N ARG A 154 8.17 -4.44 -9.68
CA ARG A 154 8.74 -3.49 -10.64
C ARG A 154 9.20 -4.26 -11.86
N LYS A 155 9.66 -3.55 -12.88
CA LYS A 155 10.17 -4.21 -14.08
C LYS A 155 11.25 -5.21 -13.72
N GLY A 156 11.02 -6.47 -14.03
CA GLY A 156 12.05 -7.49 -13.82
C GLY A 156 12.02 -8.23 -12.49
N ALA A 157 11.39 -7.65 -11.46
CA ALA A 157 11.45 -8.23 -10.11
C ALA A 157 10.21 -8.03 -9.25
N LYS A 158 10.00 -8.96 -8.32
CA LYS A 158 8.92 -8.82 -7.37
C LYS A 158 9.36 -9.20 -5.97
N LEU A 159 8.83 -8.46 -4.99
CA LEU A 159 9.12 -8.72 -3.58
C LEU A 159 7.83 -9.04 -2.85
N TRP A 160 7.86 -10.13 -2.09
CA TRP A 160 6.79 -10.43 -1.15
C TRP A 160 7.42 -10.71 0.19
N HIS A 161 6.84 -10.17 1.26
CA HIS A 161 7.33 -10.50 2.58
C HIS A 161 6.22 -10.66 3.59
N ALA A 162 6.46 -11.54 4.56
CA ALA A 162 5.44 -11.93 5.53
C ALA A 162 6.00 -11.98 6.96
N ALA A 163 5.12 -11.83 7.95
CA ALA A 163 5.41 -12.04 9.40
C ALA A 163 4.41 -13.03 9.91
N MET A 164 4.89 -14.19 10.32
CA MET A 164 4.05 -15.19 10.94
C MET A 164 4.15 -15.12 12.45
N LEU A 165 2.99 -15.11 13.12
CA LEU A 165 2.92 -15.07 14.57
C LEU A 165 3.14 -16.48 15.09
N VAL A 166 4.31 -16.73 15.68
CA VAL A 166 4.60 -18.08 16.18
C VAL A 166 4.43 -18.10 17.70
N HIS A 167 5.12 -17.21 18.41
CA HIS A 167 4.85 -17.08 19.84
C HIS A 167 4.95 -15.63 20.28
N THR A 168 4.28 -14.76 19.53
CA THR A 168 4.35 -13.33 19.72
C THR A 168 3.50 -12.94 20.93
N ASP A 169 3.82 -11.81 21.55
CA ASP A 169 2.97 -11.26 22.58
C ASP A 169 1.74 -10.58 21.95
N LEU A 170 0.61 -11.27 21.93
CA LEU A 170 -0.56 -10.74 21.24
C LEU A 170 -1.22 -9.58 21.98
N ASP A 171 -1.00 -9.47 23.29
CA ASP A 171 -1.52 -8.31 24.03
C ASP A 171 -0.76 -7.01 23.75
N MET A 172 0.56 -7.10 23.57
CA MET A 172 1.31 -5.88 23.21
C MET A 172 0.96 -5.52 21.79
N LEU A 173 0.81 -6.53 20.95
CA LEU A 173 0.44 -6.27 19.56
C LEU A 173 -0.83 -5.40 19.46
N SER A 174 -1.85 -5.75 20.23
CA SER A 174 -3.10 -5.00 20.21
C SER A 174 -2.95 -3.62 20.83
N ALA A 175 -2.17 -3.53 21.90
CA ALA A 175 -1.99 -2.26 22.60
C ALA A 175 -1.25 -1.21 21.78
N VAL A 176 -0.25 -1.65 21.02
CA VAL A 176 0.62 -0.75 20.28
C VAL A 176 -0.12 -0.12 19.09
N LEU A 177 -1.02 -0.88 18.50
CA LEU A 177 -1.63 -0.50 17.23
C LEU A 177 -2.96 0.20 17.44
N LYS A 178 -2.98 1.51 17.23
CA LYS A 178 -4.08 2.35 17.68
C LYS A 178 -5.06 2.62 16.54
N ARG A 193 -7.11 -8.16 18.80
CA ARG A 193 -6.63 -9.10 19.82
C ARG A 193 -7.42 -10.41 19.78
N GLU A 194 -8.74 -10.30 19.71
CA GLU A 194 -9.59 -11.47 19.63
C GLU A 194 -9.49 -12.20 18.28
N ARG A 195 -8.93 -11.54 17.26
CA ARG A 195 -8.90 -12.13 15.91
C ARG A 195 -7.54 -12.55 15.38
N VAL A 196 -6.50 -12.43 16.21
CA VAL A 196 -5.17 -12.89 15.87
C VAL A 196 -4.85 -14.11 16.73
N ALA A 197 -3.99 -14.98 16.27
CA ALA A 197 -3.48 -16.06 17.12
C ALA A 197 -2.06 -16.46 16.74
N ASN A 198 -1.43 -17.25 17.59
CA ASN A 198 -0.08 -17.71 17.38
C ASN A 198 -0.12 -19.10 16.77
N VAL A 199 0.85 -19.43 15.92
CA VAL A 199 0.97 -20.82 15.46
C VAL A 199 0.94 -21.81 16.64
N THR A 200 1.64 -21.47 17.74
CA THR A 200 1.71 -22.36 18.91
C THR A 200 0.39 -22.47 19.65
N ASP A 201 -0.58 -21.60 19.35
CA ASP A 201 -1.94 -21.79 19.88
C ASP A 201 -2.57 -23.05 19.30
N PHE A 202 -2.01 -23.57 18.22
CA PHE A 202 -2.63 -24.64 17.45
C PHE A 202 -1.78 -25.90 17.55
N VAL A 203 -0.49 -25.75 17.29
CA VAL A 203 0.42 -26.89 17.30
C VAL A 203 1.68 -26.56 18.09
N ASP A 204 2.32 -27.57 18.66
CA ASP A 204 3.46 -27.39 19.54
C ASP A 204 4.75 -27.40 18.73
N VAL A 205 5.14 -26.25 18.20
CA VAL A 205 6.32 -26.19 17.37
C VAL A 205 7.26 -25.08 17.82
N SER A 206 8.52 -25.17 17.44
CA SER A 206 9.47 -24.11 17.69
C SER A 206 9.54 -23.25 16.44
N ILE A 207 10.09 -22.05 16.58
CA ILE A 207 10.31 -21.14 15.45
C ILE A 207 11.18 -21.80 14.37
N ASP A 208 12.16 -22.61 14.78
CA ASP A 208 13.00 -23.35 13.84
C ASP A 208 12.26 -24.43 13.06
N GLU A 209 11.27 -25.05 13.70
CA GLU A 209 10.42 -26.03 13.02
C GLU A 209 9.52 -25.35 12.02
N VAL A 210 9.06 -24.15 12.36
CA VAL A 210 8.27 -23.37 11.42
C VAL A 210 9.10 -22.92 10.22
N ARG A 211 10.26 -22.34 10.48
CA ARG A 211 11.20 -22.00 9.41
C ARG A 211 11.44 -23.16 8.45
N ASN A 212 11.73 -24.32 9.03
CA ASN A 212 12.09 -25.52 8.27
C ASN A 212 10.95 -26.03 7.41
N ALA A 213 9.73 -25.97 7.96
CA ALA A 213 8.51 -26.28 7.24
C ALA A 213 8.31 -25.34 6.06
N LEU A 214 8.52 -24.03 6.29
CA LEU A 214 8.45 -23.04 5.22
C LEU A 214 9.55 -23.19 4.16
N ILE A 215 10.77 -23.57 4.55
CA ILE A 215 11.78 -23.80 3.50
C ILE A 215 11.30 -24.93 2.60
N ARG A 216 10.82 -25.98 3.22
CA ARG A 216 10.30 -27.14 2.49
C ARG A 216 9.07 -26.83 1.65
N GLY A 217 8.08 -26.18 2.25
CA GLY A 217 6.88 -25.81 1.52
C GLY A 217 7.13 -24.87 0.34
N PHE A 218 8.00 -23.87 0.53
CA PHE A 218 8.35 -22.98 -0.59
C PHE A 218 9.19 -23.70 -1.66
N SER A 219 10.13 -24.53 -1.21
CA SER A 219 10.90 -25.35 -2.13
C SER A 219 9.99 -26.19 -3.01
N GLU A 220 9.13 -27.01 -2.39
CA GLU A 220 8.22 -27.90 -3.12
C GLU A 220 7.19 -27.16 -3.98
N THR A 221 6.65 -26.08 -3.44
CA THR A 221 5.59 -25.35 -4.13
C THR A 221 6.11 -24.53 -5.31
N LEU A 222 7.21 -23.82 -5.11
CA LEU A 222 7.77 -22.96 -6.15
C LEU A 222 8.73 -23.74 -7.09
N HIS A 223 9.02 -24.99 -6.74
CA HIS A 223 10.03 -25.78 -7.45
C HIS A 223 11.40 -25.12 -7.49
N ILE A 224 11.94 -24.83 -6.31
CA ILE A 224 13.23 -24.19 -6.21
C ILE A 224 14.03 -24.94 -5.17
N ASP A 225 15.30 -25.27 -5.49
CA ASP A 225 16.20 -25.85 -4.51
CA ASP A 225 16.21 -25.87 -4.52
C ASP A 225 16.91 -24.71 -3.79
N PHE A 226 16.36 -24.28 -2.65
CA PHE A 226 16.97 -23.18 -1.89
C PHE A 226 18.19 -23.71 -1.15
N ARG A 227 19.32 -23.06 -1.35
CA ARG A 227 20.57 -23.47 -0.72
C ARG A 227 21.06 -22.32 0.12
N GLU A 228 21.62 -22.61 1.29
CA GLU A 228 22.07 -21.52 2.13
C GLU A 228 23.12 -20.66 1.43
N ASP A 229 22.94 -19.35 1.51
CA ASP A 229 23.87 -18.43 0.92
C ASP A 229 23.96 -17.18 1.82
N THR A 230 24.89 -16.29 1.53
CA THR A 230 24.93 -14.99 2.23
C THR A 230 24.79 -13.88 1.21
N ILE A 231 24.56 -12.65 1.68
CA ILE A 231 24.41 -11.53 0.77
C ILE A 231 25.75 -11.17 0.15
N THR A 232 25.69 -10.52 -1.00
CA THR A 232 26.89 -10.10 -1.69
C THR A 232 27.33 -8.76 -1.15
N GLU A 233 28.53 -8.32 -1.54
CA GLU A 233 29.04 -7.04 -1.08
C GLU A 233 28.23 -5.91 -1.65
N LYS A 234 27.73 -6.09 -2.87
CA LYS A 234 26.86 -5.11 -3.52
C LYS A 234 25.52 -4.97 -2.78
N GLU A 235 24.93 -6.10 -2.39
CA GLU A 235 23.70 -6.08 -1.61
C GLU A 235 23.94 -5.47 -0.22
N GLU A 236 24.99 -5.92 0.44
CA GLU A 236 25.42 -5.33 1.70
C GLU A 236 25.55 -3.82 1.58
N SER A 237 26.40 -3.36 0.67
CA SER A 237 26.72 -1.93 0.55
C SER A 237 25.48 -1.08 0.26
N LEU A 238 24.61 -1.57 -0.60
CA LEU A 238 23.34 -0.88 -0.83
C LEU A 238 22.54 -0.82 0.48
N ALA A 239 22.46 -1.95 1.18
CA ALA A 239 21.76 -2.02 2.46
C ALA A 239 22.28 -0.97 3.43
N ARG A 240 23.60 -0.92 3.58
CA ARG A 240 24.23 0.04 4.49
C ARG A 240 23.93 1.48 4.06
N GLU A 241 23.98 1.72 2.75
CA GLU A 241 23.67 3.04 2.22
C GLU A 241 22.22 3.47 2.47
N LEU A 242 21.28 2.54 2.29
CA LEU A 242 19.85 2.76 2.54
C LEU A 242 19.59 3.03 4.01
N PHE A 243 20.27 2.27 4.86
CA PHE A 243 20.21 2.53 6.29
C PHE A 243 20.77 3.93 6.60
N ASP A 244 21.99 4.20 6.14
CA ASP A 244 22.65 5.48 6.46
C ASP A 244 21.83 6.68 6.01
N LYS A 245 21.37 6.65 4.76
CA LYS A 245 20.68 7.80 4.16
C LYS A 245 19.16 7.82 4.37
N LYS A 246 18.54 6.69 4.70
CA LYS A 246 17.08 6.64 4.76
C LYS A 246 16.53 6.00 6.04
N TYR A 247 16.75 4.70 6.19
CA TYR A 247 16.07 3.96 7.23
C TYR A 247 16.45 4.36 8.64
N SER A 248 17.67 4.88 8.82
CA SER A 248 18.10 5.36 10.11
C SER A 248 17.58 6.74 10.45
N THR A 249 16.92 7.42 9.52
CA THR A 249 16.49 8.80 9.79
C THR A 249 15.08 8.96 10.33
N GLU A 250 14.83 10.11 10.96
CA GLU A 250 13.50 10.42 11.46
C GLU A 250 12.62 10.96 10.34
N GLU A 251 13.22 11.66 9.40
CA GLU A 251 12.50 12.12 8.22
C GLU A 251 11.84 10.92 7.50
N TRP A 252 12.57 9.84 7.31
CA TRP A 252 11.99 8.65 6.68
C TRP A 252 10.94 8.00 7.55
N ASN A 253 11.28 7.72 8.81
CA ASN A 253 10.46 6.88 9.66
C ASN A 253 9.20 7.60 10.16
N MET A 254 9.35 8.88 10.47
CA MET A 254 8.25 9.66 11.02
C MET A 254 7.62 10.55 9.96
N GLY A 255 8.30 10.70 8.83
CA GLY A 255 7.79 11.51 7.74
C GLY A 255 8.04 12.99 7.96
N LEU A 256 9.04 13.31 8.77
CA LEU A 256 9.38 14.69 9.08
C LEU A 256 10.11 15.35 7.91
N LEU A 257 9.81 16.62 7.68
CA LEU A 257 10.31 17.32 6.50
C LEU A 257 11.64 18.04 6.72
N ARG A 258 11.62 19.05 7.59
CA ARG A 258 12.80 19.88 7.81
C ARG A 258 12.80 21.35 7.38
N MET B 1 22.06 -0.48 51.20
CA MET B 1 22.58 0.70 50.47
C MET B 1 21.85 0.80 49.14
N GLU B 2 21.54 2.01 48.68
CA GLU B 2 20.87 2.15 47.39
C GLU B 2 21.83 2.13 46.21
N GLY B 3 21.41 1.48 45.13
CA GLY B 3 22.23 1.35 43.95
C GLY B 3 21.42 1.80 42.76
N ARG B 4 22.07 1.86 41.60
CA ARG B 4 21.38 2.25 40.39
C ARG B 4 21.19 1.03 39.51
N LEU B 5 19.98 0.86 38.99
CA LEU B 5 19.71 -0.22 38.04
C LEU B 5 19.54 0.43 36.68
N LEU B 6 20.50 0.20 35.79
CA LEU B 6 20.46 0.82 34.47
C LEU B 6 20.06 -0.25 33.46
N LEU B 7 18.87 -0.11 32.90
CA LEU B 7 18.40 -1.01 31.87
C LEU B 7 18.76 -0.28 30.59
N LEU B 8 20.01 -0.45 30.16
CA LEU B 8 20.58 0.42 29.17
C LEU B 8 21.30 -0.46 28.16
N GLU B 9 20.72 -0.61 26.97
CA GLU B 9 21.33 -1.41 25.91
C GLU B 9 21.23 -0.69 24.58
N THR B 10 22.22 -0.91 23.71
CA THR B 10 22.10 -0.56 22.31
C THR B 10 22.43 -1.82 21.52
N PRO B 11 21.52 -2.78 21.44
CA PRO B 11 21.85 -4.11 20.91
C PRO B 11 22.34 -4.05 19.47
N GLY B 12 21.84 -3.07 18.71
CA GLY B 12 22.26 -2.93 17.31
C GLY B 12 23.63 -2.30 17.17
N ASN B 13 24.28 -2.00 18.28
CA ASN B 13 25.61 -1.42 18.22
C ASN B 13 26.41 -1.86 19.42
N THR B 14 27.03 -3.01 19.30
CA THR B 14 27.77 -3.55 20.40
C THR B 14 28.91 -2.62 20.86
N ARG B 15 29.53 -1.91 19.92
CA ARG B 15 30.68 -1.10 20.25
C ARG B 15 30.26 0.07 21.13
N MET B 16 29.08 0.62 20.88
CA MET B 16 28.55 1.65 21.74
C MET B 16 28.19 1.03 23.08
N SER B 17 27.71 -0.21 23.07
CA SER B 17 27.34 -0.88 24.32
C SER B 17 28.56 -1.02 25.22
N LEU B 18 29.70 -1.37 24.63
CA LEU B 18 30.95 -1.49 25.38
C LEU B 18 31.44 -0.14 25.85
N ALA B 19 31.30 0.88 25.01
CA ALA B 19 31.62 2.24 25.47
C ALA B 19 30.84 2.65 26.71
N TYR B 20 29.58 2.22 26.81
CA TYR B 20 28.72 2.61 27.97
C TYR B 20 29.33 2.02 29.23
N ASP B 21 29.71 0.75 29.17
CA ASP B 21 30.36 0.07 30.26
C ASP B 21 31.65 0.78 30.72
N GLU B 22 32.53 1.13 29.78
CA GLU B 22 33.76 1.78 30.18
C GLU B 22 33.48 3.13 30.76
N ALA B 23 32.50 3.84 30.19
CA ALA B 23 32.13 5.17 30.63
C ALA B 23 31.54 5.19 32.04
N ILE B 24 30.65 4.25 32.32
CA ILE B 24 30.09 4.09 33.65
C ILE B 24 31.21 3.76 34.66
N TYR B 25 32.14 2.89 34.26
CA TYR B 25 33.30 2.55 35.10
C TYR B 25 34.27 3.73 35.39
N ARG B 26 34.63 4.49 34.36
CA ARG B 26 35.60 5.57 34.52
C ARG B 26 35.04 6.85 35.17
N SER B 27 33.76 7.15 34.99
CA SER B 27 33.22 8.33 35.66
C SER B 27 32.82 8.06 37.11
N PHE B 28 32.82 6.79 37.51
CA PHE B 28 32.54 6.42 38.89
C PHE B 28 33.52 7.08 39.87
N GLN B 29 32.97 7.73 40.91
CA GLN B 29 33.77 8.33 41.98
C GLN B 29 33.55 7.54 43.26
N TYR B 30 34.61 7.29 44.01
CA TYR B 30 34.49 6.54 45.26
C TYR B 30 33.33 7.10 46.08
N GLY B 31 32.47 6.21 46.59
CA GLY B 31 31.30 6.68 47.33
C GLY B 31 30.02 6.79 46.52
N ASP B 32 30.10 6.81 45.20
CA ASP B 32 28.92 6.83 44.35
C ASP B 32 28.05 5.60 44.64
N LYS B 33 26.77 5.68 44.30
CA LYS B 33 25.89 4.50 44.35
C LYS B 33 26.38 3.38 43.42
N PRO B 34 26.39 2.15 43.91
CA PRO B 34 26.85 1.03 43.10
C PRO B 34 25.91 0.92 41.91
N ILE B 35 26.42 0.43 40.79
CA ILE B 35 25.67 0.34 39.55
C ILE B 35 25.55 -1.10 39.07
N LEU B 36 24.31 -1.50 38.73
CA LEU B 36 24.01 -2.77 38.05
C LEU B 36 23.38 -2.42 36.69
N ARG B 37 24.07 -2.75 35.60
CA ARG B 37 23.52 -2.50 34.26
C ARG B 37 23.17 -3.81 33.56
N PHE B 38 22.00 -3.86 32.90
CA PHE B 38 21.62 -5.04 32.10
C PHE B 38 21.53 -4.68 30.65
N TYR B 39 21.97 -5.57 29.79
CA TYR B 39 22.01 -5.26 28.35
C TYR B 39 22.20 -6.48 27.49
N ARG B 40 21.81 -6.35 26.23
CA ARG B 40 22.01 -7.41 25.24
C ARG B 40 22.75 -6.85 24.04
N HIS B 41 23.48 -7.73 23.36
CA HIS B 41 24.13 -7.41 22.11
C HIS B 41 23.56 -8.36 21.08
N ASP B 42 23.21 -7.82 19.94
CA ASP B 42 22.80 -8.62 18.81
C ASP B 42 24.05 -9.40 18.38
N ARG B 43 23.95 -10.11 17.26
CA ARG B 43 25.05 -10.92 16.70
C ARG B 43 26.35 -10.10 16.69
N SER B 44 27.34 -10.54 17.45
CA SER B 44 28.58 -9.79 17.59
C SER B 44 29.59 -10.68 18.27
N VAL B 45 30.86 -10.54 17.88
CA VAL B 45 31.93 -11.27 18.55
C VAL B 45 32.69 -10.23 19.39
N ILE B 46 32.80 -10.45 20.70
CA ILE B 46 33.59 -9.52 21.54
C ILE B 46 34.92 -10.17 21.91
N ILE B 47 36.01 -9.57 21.50
CA ILE B 47 37.33 -10.12 21.85
C ILE B 47 37.87 -9.35 23.08
N GLY B 48 38.73 -9.99 23.86
CA GLY B 48 39.36 -9.30 24.97
C GLY B 48 40.30 -8.21 24.47
N TYR B 49 40.64 -7.32 25.39
CA TYR B 49 41.53 -6.20 25.14
C TYR B 49 42.87 -6.58 24.51
N PHE B 50 43.50 -7.63 25.02
CA PHE B 50 44.85 -8.01 24.57
C PHE B 50 44.87 -8.99 23.39
N GLN B 51 43.73 -9.23 22.76
CA GLN B 51 43.67 -10.34 21.78
C GLN B 51 43.99 -9.94 20.37
N VAL B 52 44.59 -10.88 19.63
CA VAL B 52 44.81 -10.68 18.22
C VAL B 52 43.56 -11.21 17.54
N ALA B 53 42.83 -10.32 16.88
CA ALA B 53 41.53 -10.68 16.33
C ALA B 53 41.62 -11.95 15.48
N GLU B 54 42.46 -11.91 14.46
CA GLU B 54 42.48 -12.95 13.44
C GLU B 54 43.07 -14.25 13.98
N GLU B 55 43.52 -14.21 15.23
CA GLU B 55 44.00 -15.41 15.91
C GLU B 55 42.87 -16.13 16.62
N GLU B 56 41.81 -15.38 16.96
CA GLU B 56 40.79 -15.87 17.89
C GLU B 56 39.48 -16.13 17.20
N VAL B 57 39.29 -15.49 16.06
CA VAL B 57 37.99 -15.56 15.43
C VAL B 57 38.17 -15.66 13.93
N ASP B 58 37.18 -16.28 13.31
CA ASP B 58 37.16 -16.44 11.86
C ASP B 58 36.57 -15.19 11.26
N LEU B 59 37.43 -14.23 10.92
CA LEU B 59 37.02 -12.90 10.46
C LEU B 59 36.30 -12.96 9.13
N ASP B 60 36.77 -13.84 8.24
CA ASP B 60 36.15 -13.99 6.94
C ASP B 60 34.72 -14.47 7.10
N TYR B 61 34.54 -15.56 7.83
CA TYR B 61 33.22 -16.01 8.25
C TYR B 61 32.34 -14.92 8.89
N MET B 62 32.88 -14.19 9.85
CA MET B 62 32.11 -13.15 10.54
C MET B 62 31.65 -12.06 9.57
N LYS B 63 32.53 -11.71 8.65
CA LYS B 63 32.19 -10.79 7.57
C LYS B 63 31.09 -11.38 6.68
N LYS B 64 31.36 -12.55 6.12
CA LYS B 64 30.34 -13.30 5.39
C LYS B 64 28.94 -13.02 5.96
N ASN B 65 28.82 -13.10 7.28
CA ASN B 65 27.56 -13.45 7.92
C ASN B 65 26.96 -12.26 8.69
N GLY B 66 27.69 -11.16 8.72
CA GLY B 66 27.15 -9.90 9.22
C GLY B 66 27.34 -9.77 10.71
N ILE B 67 28.36 -10.44 11.24
CA ILE B 67 28.61 -10.45 12.68
C ILE B 67 29.64 -9.41 13.07
N MET B 68 29.27 -8.51 13.97
CA MET B 68 30.12 -7.38 14.33
C MET B 68 31.29 -7.82 15.20
N LEU B 69 32.48 -7.30 14.90
CA LEU B 69 33.62 -7.43 15.80
C LEU B 69 33.71 -6.22 16.76
N ALA B 70 33.81 -6.51 18.04
CA ALA B 70 34.00 -5.46 19.04
C ALA B 70 35.10 -5.89 20.03
N ARG B 71 36.08 -5.01 20.28
CA ARG B 71 37.06 -5.24 21.36
C ARG B 71 36.56 -4.58 22.66
N ARG B 72 36.61 -5.31 23.76
CA ARG B 72 36.23 -4.72 25.05
C ARG B 72 37.45 -4.23 25.84
N TYR B 73 37.18 -3.54 26.93
CA TYR B 73 38.22 -2.98 27.75
C TYR B 73 38.89 -4.03 28.64
N THR B 74 38.13 -5.00 29.14
CA THR B 74 38.73 -6.00 30.03
C THR B 74 39.45 -7.07 29.22
N GLY B 75 40.35 -7.79 29.86
CA GLY B 75 41.00 -8.95 29.26
C GLY B 75 40.11 -10.19 29.19
N GLY B 76 40.73 -11.35 29.07
CA GLY B 76 40.01 -12.59 28.87
C GLY B 76 39.84 -12.98 27.40
N GLY B 77 38.93 -13.91 27.14
CA GLY B 77 38.83 -14.51 25.83
C GLY B 77 37.71 -13.97 24.97
N ALA B 78 37.65 -14.47 23.75
CA ALA B 78 36.67 -14.08 22.76
C ALA B 78 35.33 -14.79 22.97
N VAL B 79 34.21 -14.09 22.77
CA VAL B 79 32.89 -14.68 23.01
C VAL B 79 31.94 -14.26 21.90
N TYR B 80 30.90 -15.04 21.65
CA TYR B 80 29.90 -14.69 20.65
C TYR B 80 28.66 -14.35 21.43
N HIS B 81 28.05 -13.21 21.11
CA HIS B 81 26.79 -12.80 21.72
C HIS B 81 25.70 -12.67 20.67
N ASP B 82 24.49 -13.04 21.05
CA ASP B 82 23.30 -12.64 20.29
C ASP B 82 22.26 -12.25 21.31
N LEU B 83 21.02 -12.04 20.87
CA LEU B 83 20.01 -11.55 21.78
C LEU B 83 19.61 -12.60 22.80
N GLY B 84 20.08 -13.84 22.63
CA GLY B 84 19.84 -14.85 23.67
C GLY B 84 20.80 -14.83 24.86
N ASP B 85 21.79 -13.93 24.80
CA ASP B 85 22.75 -13.75 25.87
C ASP B 85 22.32 -12.53 26.70
N LEU B 86 22.28 -12.65 28.04
CA LEU B 86 21.96 -11.49 28.87
C LEU B 86 23.29 -11.02 29.42
N ASN B 87 23.65 -9.77 29.16
CA ASN B 87 24.86 -9.22 29.76
C ASN B 87 24.49 -8.36 30.95
N PHE B 88 25.40 -8.24 31.91
CA PHE B 88 25.18 -7.39 33.07
C PHE B 88 26.52 -7.00 33.61
N SER B 89 26.62 -5.74 34.02
CA SER B 89 27.87 -5.22 34.58
C SER B 89 27.61 -4.58 35.95
N VAL B 90 28.58 -4.70 36.85
CA VAL B 90 28.53 -4.03 38.16
C VAL B 90 29.75 -3.14 38.32
N VAL B 91 29.53 -1.86 38.59
CA VAL B 91 30.58 -0.94 38.99
C VAL B 91 30.29 -0.47 40.42
N ARG B 92 31.28 -0.59 41.29
CA ARG B 92 31.12 -0.05 42.63
C ARG B 92 32.43 0.35 43.27
N SER B 93 32.33 1.05 44.40
CA SER B 93 33.49 1.52 45.14
C SER B 93 34.41 0.36 45.53
N SER B 94 35.71 0.60 45.49
CA SER B 94 36.68 -0.43 45.87
C SER B 94 37.66 0.04 46.95
N ASP B 95 37.87 -0.81 47.95
CA ASP B 95 38.91 -0.57 48.95
C ASP B 95 40.26 -1.16 48.57
N ASP B 96 40.25 -2.33 47.92
CA ASP B 96 41.48 -3.09 47.70
C ASP B 96 41.66 -3.52 46.24
N MET B 97 42.68 -4.32 45.96
CA MET B 97 43.00 -4.73 44.60
C MET B 97 42.94 -6.24 44.50
N ASP B 98 42.09 -6.84 45.33
CA ASP B 98 41.88 -8.26 45.31
C ASP B 98 40.81 -8.60 44.26
N ILE B 99 41.25 -8.86 43.04
CA ILE B 99 40.28 -9.09 41.98
C ILE B 99 39.71 -10.46 42.21
N THR B 100 40.49 -11.31 42.86
CA THR B 100 40.11 -12.70 43.09
C THR B 100 38.85 -12.78 43.94
N SER B 101 38.75 -11.88 44.92
CA SER B 101 37.60 -11.84 45.80
C SER B 101 36.41 -11.15 45.13
N MET B 102 36.68 -10.35 44.10
CA MET B 102 35.58 -9.73 43.37
C MET B 102 34.90 -10.84 42.59
N PHE B 103 35.69 -11.65 41.89
CA PHE B 103 35.09 -12.77 41.20
C PHE B 103 34.34 -13.69 42.15
N ARG B 104 34.89 -13.91 43.34
CA ARG B 104 34.26 -14.78 44.35
C ARG B 104 32.92 -14.23 44.82
N THR B 105 32.91 -12.98 45.28
CA THR B 105 31.68 -12.29 45.67
C THR B 105 30.61 -12.26 44.56
N MET B 106 31.00 -11.87 43.36
CA MET B 106 30.03 -11.75 42.27
C MET B 106 29.50 -13.12 41.86
N ASN B 107 30.37 -14.13 41.90
CA ASN B 107 29.94 -15.51 41.61
C ASN B 107 28.94 -16.06 42.63
N GLU B 108 29.13 -15.68 43.89
CA GLU B 108 28.16 -16.02 44.95
C GLU B 108 26.78 -15.42 44.60
N ALA B 109 26.78 -14.14 44.25
CA ALA B 109 25.56 -13.45 43.83
C ALA B 109 24.88 -14.15 42.65
N VAL B 110 25.64 -14.49 41.61
CA VAL B 110 25.08 -15.21 40.47
C VAL B 110 24.51 -16.57 40.87
N VAL B 111 25.26 -17.34 41.65
CA VAL B 111 24.80 -18.66 42.11
C VAL B 111 23.49 -18.53 42.91
N ASN B 112 23.43 -17.57 43.82
CA ASN B 112 22.19 -17.31 44.55
CA ASN B 112 22.20 -17.28 44.59
C ASN B 112 21.07 -16.89 43.64
N SER B 113 21.40 -16.12 42.61
CA SER B 113 20.40 -15.70 41.63
C SER B 113 19.84 -16.91 40.85
N LEU B 114 20.73 -17.82 40.45
CA LEU B 114 20.33 -18.99 39.69
C LEU B 114 19.55 -19.96 40.56
N ARG B 115 19.88 -20.01 41.85
CA ARG B 115 19.10 -20.75 42.83
C ARG B 115 17.64 -20.30 42.82
N ILE B 116 17.43 -19.00 42.73
CA ILE B 116 16.07 -18.45 42.66
C ILE B 116 15.34 -18.93 41.42
N LEU B 117 16.08 -19.16 40.34
CA LEU B 117 15.50 -19.70 39.10
C LEU B 117 15.29 -21.20 39.12
N GLY B 118 15.81 -21.87 40.13
CA GLY B 118 15.69 -23.33 40.21
C GLY B 118 16.84 -24.05 39.52
N LEU B 119 17.88 -23.30 39.18
CA LEU B 119 19.07 -23.87 38.52
C LEU B 119 20.27 -23.88 39.47
N ASP B 120 20.85 -25.06 39.64
CA ASP B 120 22.02 -25.25 40.46
C ASP B 120 23.26 -25.09 39.60
N ALA B 121 24.16 -24.20 40.00
CA ALA B 121 25.38 -23.99 39.25
C ALA B 121 26.45 -23.52 40.22
N ARG B 122 27.70 -23.53 39.76
CA ARG B 122 28.86 -23.20 40.57
C ARG B 122 29.94 -22.52 39.73
N PRO B 123 30.79 -21.72 40.34
CA PRO B 123 31.98 -21.22 39.68
C PRO B 123 32.91 -22.39 39.31
N GLY B 124 33.62 -22.29 38.19
CA GLY B 124 34.55 -23.34 37.77
C GLY B 124 35.68 -23.49 38.78
N GLU B 125 36.47 -24.54 38.64
CA GLU B 125 37.48 -24.82 39.66
C GLU B 125 38.93 -24.55 39.27
N LEU B 126 39.17 -24.23 38.01
CA LEU B 126 40.53 -24.17 37.48
C LEU B 126 41.01 -22.73 37.37
N ASN B 127 42.32 -22.54 37.55
CA ASN B 127 42.91 -21.20 37.50
C ASN B 127 43.48 -20.89 36.12
N ASP B 128 43.66 -21.91 35.30
CA ASP B 128 44.21 -21.75 33.97
C ASP B 128 43.31 -20.84 33.12
N VAL B 129 43.83 -19.67 32.78
CA VAL B 129 42.97 -18.54 32.42
C VAL B 129 42.68 -18.53 30.92
N SER B 130 42.90 -19.66 30.27
CA SER B 130 42.80 -19.74 28.82
C SER B 130 42.44 -21.15 28.38
N ILE B 131 41.77 -21.90 29.24
CA ILE B 131 40.93 -23.01 28.82
C ILE B 131 39.57 -22.42 28.39
N PRO B 132 38.76 -23.20 27.66
CA PRO B 132 37.44 -22.72 27.24
C PRO B 132 36.43 -22.61 28.40
N VAL B 133 36.31 -23.66 29.22
CA VAL B 133 35.34 -23.68 30.30
C VAL B 133 35.97 -24.21 31.61
N ASN B 134 35.23 -24.10 32.72
CA ASN B 134 35.70 -24.54 34.06
C ASN B 134 36.75 -23.64 34.73
N LYS B 135 36.73 -22.35 34.38
CA LYS B 135 37.60 -21.35 35.01
C LYS B 135 36.87 -20.79 36.23
N LYS B 136 37.58 -20.15 37.16
CA LYS B 136 36.91 -19.61 38.36
C LYS B 136 36.03 -18.42 38.06
N THR B 137 36.15 -17.89 36.83
CA THR B 137 35.30 -16.78 36.39
C THR B 137 34.09 -17.31 35.63
N ASP B 138 34.10 -18.60 35.33
CA ASP B 138 32.98 -19.23 34.64
C ASP B 138 31.98 -19.70 35.68
N ILE B 139 30.72 -19.72 35.32
CA ILE B 139 29.70 -20.35 36.13
C ILE B 139 29.30 -21.60 35.34
N MET B 140 29.43 -22.75 36.01
CA MET B 140 29.24 -24.07 35.42
C MET B 140 28.01 -24.78 35.97
N ALA B 141 27.10 -25.16 35.06
CA ALA B 141 26.00 -26.07 35.39
C ALA B 141 26.52 -27.48 35.10
N GLY B 142 27.18 -28.08 36.11
CA GLY B 142 27.94 -29.31 35.91
C GLY B 142 29.14 -29.12 35.00
N GLU B 143 29.19 -29.90 33.92
CA GLU B 143 30.31 -29.84 33.00
C GLU B 143 30.14 -28.75 31.96
N LYS B 144 28.98 -28.10 31.94
CA LYS B 144 28.71 -27.06 30.93
C LYS B 144 28.80 -25.64 31.46
N LYS B 145 29.51 -24.77 30.76
CA LYS B 145 29.58 -23.36 31.11
C LYS B 145 28.30 -22.65 30.66
N ILE B 146 27.69 -21.87 31.55
CA ILE B 146 26.50 -21.14 31.19
C ILE B 146 26.71 -19.62 31.26
N MET B 147 27.85 -19.21 31.80
CA MET B 147 28.14 -17.80 31.96
C MET B 147 29.64 -17.61 32.10
N GLY B 148 30.14 -16.49 31.59
CA GLY B 148 31.52 -16.08 31.83
C GLY B 148 31.56 -14.65 32.35
N ALA B 149 32.66 -14.27 32.97
CA ALA B 149 32.81 -12.92 33.49
C ALA B 149 34.24 -12.43 33.25
N ALA B 150 34.43 -11.13 33.37
CA ALA B 150 35.77 -10.54 33.26
C ALA B 150 35.70 -9.31 34.13
N GLY B 151 36.83 -8.68 34.41
CA GLY B 151 36.81 -7.58 35.36
C GLY B 151 38.02 -6.69 35.28
N ALA B 152 37.93 -5.54 35.92
CA ALA B 152 39.07 -4.64 36.06
C ALA B 152 39.01 -3.85 37.37
N MET B 153 40.18 -3.61 37.97
CA MET B 153 40.27 -2.77 39.15
C MET B 153 41.15 -1.55 38.90
N ARG B 154 40.67 -0.39 39.32
CA ARG B 154 41.54 0.75 39.59
C ARG B 154 41.39 1.24 41.02
N LYS B 155 42.11 2.30 41.36
CA LYS B 155 41.99 2.91 42.67
C LYS B 155 40.63 3.57 42.77
N GLY B 156 39.83 3.13 43.74
CA GLY B 156 38.51 3.72 43.94
C GLY B 156 37.33 2.92 43.43
N ALA B 157 37.53 2.11 42.40
CA ALA B 157 36.41 1.44 41.73
C ALA B 157 36.77 0.10 41.09
N LYS B 158 35.80 -0.80 41.01
CA LYS B 158 36.00 -2.06 40.36
C LYS B 158 34.87 -2.30 39.37
N LEU B 159 35.19 -2.95 38.26
CA LEU B 159 34.23 -3.33 37.26
C LEU B 159 34.22 -4.84 37.14
N TRP B 160 33.03 -5.42 37.13
CA TRP B 160 32.85 -6.82 36.87
C TRP B 160 31.76 -6.89 35.83
N HIS B 161 31.89 -7.74 34.83
CA HIS B 161 30.78 -7.92 33.91
C HIS B 161 30.73 -9.34 33.42
N ALA B 162 29.53 -9.78 33.05
CA ALA B 162 29.28 -11.18 32.73
C ALA B 162 28.29 -11.23 31.60
N ALA B 163 28.24 -12.40 30.99
CA ALA B 163 27.28 -12.67 29.95
C ALA B 163 26.73 -14.06 30.21
N MET B 164 25.43 -14.16 30.39
CA MET B 164 24.79 -15.44 30.65
C MET B 164 24.13 -15.93 29.38
N LEU B 165 24.34 -17.21 29.07
CA LEU B 165 23.78 -17.82 27.89
C LEU B 165 22.39 -18.25 28.27
N VAL B 166 21.38 -17.52 27.80
CA VAL B 166 20.02 -17.82 28.19
C VAL B 166 19.26 -18.59 27.11
N HIS B 167 19.22 -18.04 25.90
CA HIS B 167 18.78 -18.83 24.74
C HIS B 167 19.61 -18.50 23.48
N THR B 168 20.93 -18.55 23.63
CA THR B 168 21.85 -18.22 22.55
C THR B 168 22.01 -19.34 21.53
N ASP B 169 22.34 -18.97 20.30
CA ASP B 169 22.59 -19.96 19.26
C ASP B 169 23.98 -20.56 19.49
N LEU B 170 24.00 -21.70 20.17
CA LEU B 170 25.25 -22.35 20.56
C LEU B 170 26.12 -22.80 19.40
N ASP B 171 25.50 -23.03 18.24
CA ASP B 171 26.21 -23.58 17.10
C ASP B 171 27.01 -22.50 16.37
N MET B 172 26.39 -21.34 16.16
CA MET B 172 27.07 -20.19 15.60
C MET B 172 28.17 -19.68 16.52
N LEU B 173 27.98 -19.87 17.82
CA LEU B 173 28.99 -19.55 18.81
C LEU B 173 30.27 -20.35 18.58
N SER B 174 30.15 -21.63 18.24
CA SER B 174 31.37 -22.42 17.94
C SER B 174 31.92 -22.19 16.54
N ALA B 175 31.12 -21.63 15.65
CA ALA B 175 31.55 -21.38 14.27
C ALA B 175 32.41 -20.12 14.11
N VAL B 176 32.10 -19.08 14.89
CA VAL B 176 32.93 -17.88 14.78
C VAL B 176 34.22 -18.00 15.56
N LEU B 177 34.22 -18.80 16.64
CA LEU B 177 35.35 -18.88 17.58
C LEU B 177 36.22 -20.10 17.35
N GLU B 194 29.34 -27.96 22.64
CA GLU B 194 30.21 -28.94 23.27
C GLU B 194 30.14 -28.84 24.79
N ARG B 195 30.74 -27.79 25.34
CA ARG B 195 30.82 -27.62 26.78
C ARG B 195 30.25 -26.28 27.21
N VAL B 196 29.40 -25.70 26.37
CA VAL B 196 28.53 -24.60 26.78
C VAL B 196 27.07 -25.03 26.79
N ALA B 197 26.23 -24.31 27.52
CA ALA B 197 24.82 -24.62 27.54
C ALA B 197 24.02 -23.36 27.81
N ASN B 198 22.74 -23.38 27.48
CA ASN B 198 21.83 -22.29 27.79
C ASN B 198 21.11 -22.53 29.11
N VAL B 199 20.85 -21.47 29.86
CA VAL B 199 20.02 -21.60 31.04
C VAL B 199 18.71 -22.32 30.72
N THR B 200 18.17 -22.11 29.51
CA THR B 200 16.89 -22.74 29.13
C THR B 200 17.05 -24.19 28.71
N ASP B 201 18.27 -24.70 28.77
CA ASP B 201 18.46 -26.13 28.61
C ASP B 201 18.18 -26.83 29.95
N PHE B 202 18.00 -26.04 31.01
CA PHE B 202 17.74 -26.60 32.33
C PHE B 202 16.40 -26.17 32.90
N VAL B 203 15.99 -24.94 32.60
CA VAL B 203 14.80 -24.39 33.22
C VAL B 203 14.04 -23.48 32.25
N ASP B 204 12.72 -23.52 32.31
CA ASP B 204 11.91 -22.77 31.38
C ASP B 204 11.75 -21.35 31.88
N VAL B 205 12.70 -20.50 31.51
CA VAL B 205 12.65 -19.12 31.96
C VAL B 205 12.78 -18.16 30.76
N SER B 206 12.26 -16.95 30.91
CA SER B 206 12.49 -15.89 29.96
C SER B 206 13.72 -15.07 30.39
N ILE B 207 14.28 -14.28 29.47
CA ILE B 207 15.41 -13.43 29.82
C ILE B 207 15.02 -12.44 30.91
N ASP B 208 13.81 -11.90 30.84
CA ASP B 208 13.26 -11.07 31.92
C ASP B 208 13.24 -11.74 33.30
N GLU B 209 12.93 -13.05 33.32
CA GLU B 209 12.93 -13.80 34.56
C GLU B 209 14.35 -13.94 35.08
N VAL B 210 15.28 -14.27 34.19
CA VAL B 210 16.70 -14.27 34.53
C VAL B 210 17.16 -12.92 35.07
N ARG B 211 16.87 -11.85 34.33
CA ARG B 211 17.20 -10.51 34.81
C ARG B 211 16.66 -10.25 36.23
N ASN B 212 15.39 -10.56 36.45
CA ASN B 212 14.73 -10.28 37.74
C ASN B 212 15.32 -11.11 38.86
N ALA B 213 15.64 -12.37 38.56
CA ALA B 213 16.33 -13.22 39.52
C ALA B 213 17.70 -12.65 39.88
N LEU B 214 18.45 -12.20 38.87
CA LEU B 214 19.77 -11.61 39.10
C LEU B 214 19.65 -10.34 39.93
N ILE B 215 18.64 -9.52 39.66
CA ILE B 215 18.47 -8.31 40.46
C ILE B 215 18.24 -8.64 41.93
N ARG B 216 17.33 -9.59 42.18
CA ARG B 216 17.02 -10.01 43.55
C ARG B 216 18.21 -10.67 44.22
N GLY B 217 18.86 -11.59 43.51
CA GLY B 217 20.00 -12.32 44.07
C GLY B 217 21.18 -11.42 44.35
N PHE B 218 21.44 -10.48 43.44
CA PHE B 218 22.55 -9.55 43.61
C PHE B 218 22.19 -8.64 44.75
N SER B 219 20.90 -8.31 44.87
CA SER B 219 20.46 -7.48 45.98
C SER B 219 20.57 -8.18 47.35
N GLU B 220 20.21 -9.46 47.41
CA GLU B 220 20.26 -10.23 48.64
C GLU B 220 21.70 -10.46 49.07
N THR B 221 22.54 -10.80 48.11
CA THR B 221 23.92 -11.15 48.42
C THR B 221 24.79 -9.93 48.70
N LEU B 222 24.64 -8.89 47.89
CA LEU B 222 25.48 -7.71 48.09
C LEU B 222 24.87 -6.71 49.08
N HIS B 223 23.59 -6.90 49.41
CA HIS B 223 22.89 -5.96 50.27
C HIS B 223 22.79 -4.58 49.62
N ILE B 224 22.41 -4.56 48.35
CA ILE B 224 22.20 -3.31 47.63
C ILE B 224 20.81 -3.37 47.06
N ASP B 225 20.08 -2.25 47.11
CA ASP B 225 18.78 -2.17 46.49
C ASP B 225 18.99 -1.35 45.25
N PHE B 226 19.10 -2.03 44.11
CA PHE B 226 19.28 -1.36 42.82
C PHE B 226 17.96 -0.85 42.29
N ARG B 227 17.80 0.47 42.29
CA ARG B 227 16.54 1.10 41.91
C ARG B 227 16.64 1.78 40.55
N GLU B 228 15.81 1.35 39.61
CA GLU B 228 15.95 1.77 38.22
C GLU B 228 16.29 3.26 38.12
N ASP B 229 17.28 3.57 37.29
CA ASP B 229 17.79 4.92 37.20
C ASP B 229 18.15 5.14 35.74
N THR B 230 18.43 6.38 35.35
CA THR B 230 18.92 6.66 34.00
C THR B 230 20.39 7.07 34.08
N ILE B 231 21.11 6.95 32.96
CA ILE B 231 22.49 7.39 32.87
C ILE B 231 22.58 8.90 33.13
N THR B 232 23.70 9.39 33.71
CA THR B 232 23.84 10.84 33.93
C THR B 232 24.37 11.46 32.65
N GLU B 233 24.35 12.78 32.56
CA GLU B 233 24.86 13.50 31.40
C GLU B 233 26.38 13.35 31.31
N LYS B 234 27.02 13.23 32.47
CA LYS B 234 28.46 13.00 32.49
C LYS B 234 28.80 11.60 31.98
N GLU B 235 27.99 10.63 32.36
CA GLU B 235 28.21 9.24 31.94
C GLU B 235 27.96 9.10 30.45
N GLU B 236 26.87 9.73 30.00
CA GLU B 236 26.46 9.70 28.61
C GLU B 236 27.46 10.46 27.73
N SER B 237 27.90 11.63 28.15
CA SER B 237 28.88 12.35 27.32
C SER B 237 30.23 11.60 27.24
N LEU B 238 30.68 11.02 28.34
CA LEU B 238 31.87 10.15 28.30
C LEU B 238 31.69 8.99 27.33
N ALA B 239 30.59 8.26 27.45
CA ALA B 239 30.27 7.14 26.54
C ALA B 239 30.31 7.55 25.07
N ARG B 240 29.70 8.68 24.74
CA ARG B 240 29.68 9.17 23.36
C ARG B 240 31.09 9.49 22.90
N GLU B 241 31.88 10.11 23.78
CA GLU B 241 33.29 10.40 23.52
C GLU B 241 34.15 9.14 23.37
N LEU B 242 34.03 8.16 24.27
CA LEU B 242 34.78 6.90 24.08
C LEU B 242 34.34 6.22 22.80
N PHE B 243 33.05 6.28 22.48
CA PHE B 243 32.62 5.71 21.20
C PHE B 243 33.19 6.44 19.98
N ASP B 244 32.98 7.75 19.90
CA ASP B 244 33.45 8.52 18.75
C ASP B 244 34.96 8.43 18.54
N LYS B 245 35.71 8.45 19.62
CA LYS B 245 37.16 8.49 19.53
C LYS B 245 37.84 7.12 19.59
N LYS B 246 37.12 6.10 20.09
CA LYS B 246 37.75 4.80 20.30
C LYS B 246 36.96 3.58 19.84
N TYR B 247 35.86 3.26 20.51
CA TYR B 247 35.14 2.03 20.19
C TYR B 247 34.58 1.96 18.77
N SER B 248 34.33 3.12 18.15
CA SER B 248 33.82 3.12 16.79
C SER B 248 34.92 2.88 15.75
N THR B 249 36.18 2.88 16.17
CA THR B 249 37.28 2.87 15.19
C THR B 249 37.80 1.49 14.88
N GLU B 250 38.30 1.33 13.67
CA GLU B 250 38.87 0.08 13.26
C GLU B 250 40.17 -0.13 13.99
N GLU B 251 40.88 0.97 14.26
CA GLU B 251 42.13 0.91 14.99
C GLU B 251 41.96 0.25 16.35
N TRP B 252 40.94 0.70 17.11
CA TRP B 252 40.64 0.08 18.40
C TRP B 252 40.27 -1.39 18.24
N ASN B 253 39.30 -1.66 17.37
CA ASN B 253 38.67 -2.97 17.30
C ASN B 253 39.62 -4.04 16.77
N MET B 254 40.32 -3.72 15.68
CA MET B 254 41.15 -4.70 15.00
C MET B 254 42.61 -4.54 15.37
N GLY B 255 42.96 -3.39 15.92
CA GLY B 255 44.33 -3.11 16.34
C GLY B 255 45.19 -2.52 15.24
N LEU B 256 44.57 -1.78 14.34
CA LEU B 256 45.27 -1.14 13.23
C LEU B 256 44.83 0.30 13.00
N MET C 1 -26.52 -3.90 -41.17
CA MET C 1 -26.80 -3.43 -42.51
C MET C 1 -28.13 -2.66 -42.55
N GLU C 2 -29.22 -3.39 -42.77
CA GLU C 2 -30.55 -2.82 -42.62
C GLU C 2 -31.11 -3.08 -41.23
N GLY C 3 -31.69 -2.04 -40.64
CA GLY C 3 -32.26 -2.13 -39.31
C GLY C 3 -33.77 -2.12 -39.32
N ARG C 4 -34.37 -2.53 -38.20
CA ARG C 4 -35.80 -2.37 -37.99
C ARG C 4 -36.09 -1.28 -36.97
N LEU C 5 -36.74 -0.21 -37.42
CA LEU C 5 -37.20 0.83 -36.51
C LEU C 5 -38.65 0.60 -36.08
N LEU C 6 -38.82 0.06 -34.88
CA LEU C 6 -40.15 -0.17 -34.32
C LEU C 6 -40.59 0.99 -33.45
N LEU C 7 -41.62 1.70 -33.90
CA LEU C 7 -42.34 2.64 -33.04
C LEU C 7 -43.49 1.95 -32.31
N LEU C 8 -43.16 1.13 -31.33
CA LEU C 8 -44.13 0.26 -30.70
C LEU C 8 -44.26 0.69 -29.24
N GLU C 9 -45.40 1.23 -28.87
CA GLU C 9 -45.58 1.68 -27.50
C GLU C 9 -46.99 1.41 -27.00
N THR C 10 -47.13 1.33 -25.68
CA THR C 10 -48.43 1.30 -25.04
C THR C 10 -48.28 2.07 -23.76
N PRO C 11 -48.26 3.40 -23.86
CA PRO C 11 -48.01 4.28 -22.71
C PRO C 11 -48.95 3.99 -21.56
N GLY C 12 -50.18 3.60 -21.85
CA GLY C 12 -51.19 3.31 -20.82
C GLY C 12 -51.03 1.96 -20.16
N ASN C 13 -50.15 1.12 -20.69
CA ASN C 13 -49.93 -0.19 -20.10
C ASN C 13 -48.44 -0.51 -20.10
N THR C 14 -47.75 0.01 -19.09
CA THR C 14 -46.32 -0.19 -18.95
C THR C 14 -45.97 -1.67 -18.91
N ARG C 15 -46.81 -2.46 -18.24
CA ARG C 15 -46.52 -3.88 -18.07
C ARG C 15 -46.50 -4.59 -19.43
N MET C 16 -47.35 -4.14 -20.35
CA MET C 16 -47.36 -4.68 -21.70
C MET C 16 -46.17 -4.16 -22.49
N SER C 17 -45.81 -2.90 -22.27
CA SER C 17 -44.65 -2.32 -22.92
C SER C 17 -43.38 -3.11 -22.60
N LEU C 18 -43.17 -3.43 -21.32
CA LEU C 18 -42.02 -4.25 -20.92
C LEU C 18 -42.06 -5.64 -21.51
N ALA C 19 -43.25 -6.22 -21.61
CA ALA C 19 -43.39 -7.55 -22.22
C ALA C 19 -42.94 -7.53 -23.68
N TYR C 20 -43.20 -6.42 -24.36
CA TYR C 20 -42.74 -6.23 -25.73
C TYR C 20 -41.22 -6.37 -25.84
N ASP C 21 -40.49 -5.65 -24.98
CA ASP C 21 -39.02 -5.74 -24.92
C ASP C 21 -38.51 -7.18 -24.70
N GLU C 22 -39.07 -7.87 -23.72
CA GLU C 22 -38.64 -9.25 -23.51
C GLU C 22 -38.93 -10.08 -24.75
N ALA C 23 -40.10 -9.88 -25.32
CA ALA C 23 -40.54 -10.68 -26.46
C ALA C 23 -39.59 -10.54 -27.64
N ILE C 24 -39.35 -9.30 -28.05
CA ILE C 24 -38.50 -9.03 -29.21
C ILE C 24 -37.06 -9.47 -28.95
N TYR C 25 -36.64 -9.40 -27.70
CA TYR C 25 -35.30 -9.83 -27.32
C TYR C 25 -35.16 -11.35 -27.40
N ARG C 26 -36.17 -12.05 -26.88
CA ARG C 26 -36.15 -13.53 -26.86
C ARG C 26 -36.56 -14.18 -28.20
N SER C 27 -37.38 -13.48 -28.98
CA SER C 27 -37.76 -13.95 -30.31
C SER C 27 -36.57 -13.84 -31.25
N PHE C 28 -35.69 -12.89 -30.97
CA PHE C 28 -34.59 -12.54 -31.86
C PHE C 28 -33.71 -13.76 -32.15
N GLN C 29 -33.34 -13.91 -33.41
CA GLN C 29 -32.48 -15.01 -33.83
C GLN C 29 -31.21 -14.52 -34.50
N TYR C 30 -30.07 -15.07 -34.08
CA TYR C 30 -28.79 -14.65 -34.62
C TYR C 30 -28.89 -14.40 -36.13
N GLY C 31 -28.60 -13.18 -36.54
CA GLY C 31 -28.60 -12.86 -37.96
C GLY C 31 -29.74 -11.94 -38.36
N ASP C 32 -30.75 -11.81 -37.50
CA ASP C 32 -31.90 -10.99 -37.82
C ASP C 32 -31.47 -9.54 -37.96
N LYS C 33 -32.33 -8.72 -38.55
CA LYS C 33 -32.06 -7.30 -38.58
C LYS C 33 -32.05 -6.83 -37.14
N PRO C 34 -31.14 -5.91 -36.82
CA PRO C 34 -31.05 -5.35 -35.47
C PRO C 34 -32.18 -4.36 -35.20
N ILE C 35 -32.67 -4.35 -33.97
CA ILE C 35 -33.94 -3.68 -33.66
C ILE C 35 -33.70 -2.45 -32.78
N LEU C 36 -34.26 -1.32 -33.18
CA LEU C 36 -34.29 -0.14 -32.34
C LEU C 36 -35.72 0.33 -32.09
N ARG C 37 -36.15 0.28 -30.83
CA ARG C 37 -37.55 0.50 -30.49
C ARG C 37 -37.62 1.72 -29.60
N PHE C 38 -38.47 2.68 -29.99
CA PHE C 38 -38.74 3.87 -29.19
C PHE C 38 -40.11 3.78 -28.52
N TYR C 39 -40.19 4.14 -27.25
CA TYR C 39 -41.46 4.08 -26.54
C TYR C 39 -41.50 4.96 -25.32
N ARG C 40 -42.71 5.20 -24.84
CA ARG C 40 -42.92 5.96 -23.63
C ARG C 40 -43.90 5.21 -22.76
N HIS C 41 -43.72 5.35 -21.45
CA HIS C 41 -44.72 4.90 -20.51
C HIS C 41 -45.29 6.15 -19.87
N ASP C 42 -46.57 6.11 -19.55
CA ASP C 42 -47.17 7.14 -18.72
C ASP C 42 -46.60 6.92 -17.33
N ARG C 43 -47.17 7.61 -16.35
CA ARG C 43 -46.66 7.58 -14.97
C ARG C 43 -46.49 6.13 -14.54
N SER C 44 -45.24 5.71 -14.33
CA SER C 44 -45.01 4.40 -13.74
C SER C 44 -43.62 4.33 -13.10
N VAL C 45 -43.44 3.36 -12.20
CA VAL C 45 -42.13 3.04 -11.63
C VAL C 45 -41.74 1.65 -12.11
N ILE C 46 -40.56 1.54 -12.70
CA ILE C 46 -40.07 0.26 -13.17
C ILE C 46 -38.91 -0.17 -12.30
N ILE C 47 -39.09 -1.29 -11.61
CA ILE C 47 -38.05 -1.84 -10.77
C ILE C 47 -37.36 -2.97 -11.50
N GLY C 48 -36.15 -3.29 -11.08
CA GLY C 48 -35.35 -4.32 -11.73
C GLY C 48 -35.70 -5.72 -11.30
N TYR C 49 -35.23 -6.68 -12.07
CA TYR C 49 -35.57 -8.09 -11.89
C TYR C 49 -35.44 -8.58 -10.46
N PHE C 50 -34.39 -8.11 -9.78
CA PHE C 50 -34.00 -8.65 -8.47
C PHE C 50 -34.51 -7.78 -7.31
N GLN C 51 -35.28 -6.73 -7.63
CA GLN C 51 -35.61 -5.72 -6.63
C GLN C 51 -36.81 -6.02 -5.74
N VAL C 52 -36.73 -5.54 -4.49
CA VAL C 52 -37.81 -5.72 -3.53
C VAL C 52 -38.67 -4.47 -3.61
N ALA C 53 -39.91 -4.64 -4.06
CA ALA C 53 -40.76 -3.50 -4.43
C ALA C 53 -40.92 -2.48 -3.30
N GLU C 54 -41.34 -2.92 -2.12
CA GLU C 54 -41.52 -2.03 -0.98
C GLU C 54 -40.20 -1.41 -0.46
N GLU C 55 -39.07 -1.88 -0.97
CA GLU C 55 -37.76 -1.33 -0.57
C GLU C 55 -37.27 -0.26 -1.55
N GLU C 56 -37.90 -0.19 -2.71
CA GLU C 56 -37.42 0.65 -3.81
C GLU C 56 -38.38 1.80 -4.09
N VAL C 57 -39.68 1.52 -3.95
CA VAL C 57 -40.70 2.51 -4.28
C VAL C 57 -41.51 2.89 -3.04
N ASP C 58 -42.14 4.06 -3.08
CA ASP C 58 -43.14 4.43 -2.09
C ASP C 58 -44.52 3.89 -2.48
N LEU C 59 -44.79 2.65 -2.08
CA LEU C 59 -45.95 1.94 -2.59
C LEU C 59 -47.28 2.66 -2.33
N ASP C 60 -47.44 3.21 -1.12
CA ASP C 60 -48.65 3.94 -0.77
C ASP C 60 -48.81 5.26 -1.55
N TYR C 61 -47.68 5.87 -1.87
CA TYR C 61 -47.68 7.14 -2.60
C TYR C 61 -47.97 6.93 -4.08
N MET C 62 -47.61 5.75 -4.58
CA MET C 62 -47.96 5.36 -5.95
C MET C 62 -49.46 5.09 -6.07
N LYS C 63 -49.99 4.30 -5.15
CA LYS C 63 -51.43 4.07 -5.06
C LYS C 63 -52.20 5.36 -5.32
N ASN C 65 -52.11 9.13 -6.53
CA ASN C 65 -51.12 9.63 -7.47
C ASN C 65 -51.11 8.86 -8.78
N GLY C 66 -51.62 7.63 -8.74
CA GLY C 66 -52.05 6.93 -9.94
C GLY C 66 -50.87 6.35 -10.71
N ILE C 67 -49.80 6.06 -10.01
CA ILE C 67 -48.58 5.55 -10.64
C ILE C 67 -48.56 4.02 -10.64
N MET C 68 -48.19 3.44 -11.77
CA MET C 68 -48.23 1.99 -11.93
C MET C 68 -46.88 1.36 -11.60
N LEU C 69 -46.92 0.19 -10.98
CA LEU C 69 -45.70 -0.56 -10.69
C LEU C 69 -45.49 -1.69 -11.70
N ALA C 70 -44.32 -1.70 -12.33
CA ALA C 70 -43.98 -2.74 -13.29
C ALA C 70 -42.55 -3.16 -13.02
N ARG C 71 -42.33 -4.48 -12.98
CA ARG C 71 -41.00 -5.06 -12.86
C ARG C 71 -40.54 -5.45 -14.25
N ARG C 72 -39.28 -5.17 -14.57
CA ARG C 72 -38.76 -5.43 -15.91
C ARG C 72 -37.88 -6.66 -15.95
N TYR C 73 -37.52 -7.05 -17.16
CA TYR C 73 -36.77 -8.27 -17.40
C TYR C 73 -35.34 -8.14 -16.93
N THR C 74 -34.74 -6.98 -17.18
CA THR C 74 -33.33 -6.77 -16.80
C THR C 74 -33.15 -6.42 -15.32
N GLY C 75 -31.96 -6.65 -14.80
CA GLY C 75 -31.59 -6.18 -13.47
C GLY C 75 -31.35 -4.69 -13.46
N GLY C 76 -30.71 -4.22 -12.39
CA GLY C 76 -30.48 -2.80 -12.22
C GLY C 76 -31.48 -2.20 -11.26
N GLY C 77 -31.52 -0.87 -11.22
CA GLY C 77 -32.32 -0.17 -10.22
C GLY C 77 -33.66 0.37 -10.70
N ALA C 78 -34.38 1.02 -9.79
CA ALA C 78 -35.73 1.48 -10.07
C ALA C 78 -35.73 2.89 -10.64
N VAL C 79 -36.70 3.19 -11.50
CA VAL C 79 -36.76 4.46 -12.19
C VAL C 79 -38.20 4.92 -12.38
N TYR C 80 -38.42 6.23 -12.30
CA TYR C 80 -39.70 6.82 -12.66
C TYR C 80 -39.77 7.12 -14.15
N HIS C 81 -40.86 6.72 -14.78
CA HIS C 81 -41.14 7.11 -16.16
C HIS C 81 -42.43 7.90 -16.25
N ASP C 82 -42.39 9.01 -16.98
CA ASP C 82 -43.61 9.64 -17.48
C ASP C 82 -43.46 10.02 -18.95
N LEU C 83 -44.49 10.64 -19.51
CA LEU C 83 -44.56 10.88 -20.94
C LEU C 83 -43.44 11.80 -21.40
N GLY C 84 -42.73 12.41 -20.44
CA GLY C 84 -41.57 13.22 -20.74
C GLY C 84 -40.25 12.45 -20.81
N ASP C 85 -40.32 11.13 -20.65
CA ASP C 85 -39.13 10.29 -20.75
C ASP C 85 -39.17 9.45 -22.01
N LEU C 86 -38.10 9.51 -22.80
CA LEU C 86 -38.07 8.72 -24.00
C LEU C 86 -37.30 7.46 -23.69
N ASN C 87 -37.98 6.31 -23.77
CA ASN C 87 -37.31 5.04 -23.62
C ASN C 87 -36.97 4.55 -25.00
N PHE C 88 -35.92 3.75 -25.11
CA PHE C 88 -35.59 3.09 -26.36
C PHE C 88 -34.82 1.83 -26.01
N SER C 89 -34.93 0.81 -26.86
CA SER C 89 -34.23 -0.43 -26.63
C SER C 89 -33.61 -0.89 -27.93
N VAL C 90 -32.51 -1.62 -27.83
CA VAL C 90 -31.80 -2.08 -28.99
C VAL C 90 -31.54 -3.57 -28.79
N VAL C 91 -31.82 -4.38 -29.81
CA VAL C 91 -31.58 -5.83 -29.77
C VAL C 91 -30.91 -6.23 -31.07
N ARG C 92 -29.75 -6.87 -30.98
CA ARG C 92 -29.07 -7.38 -32.16
C ARG C 92 -28.23 -8.60 -31.89
N SER C 93 -27.66 -9.16 -32.96
CA SER C 93 -26.82 -10.34 -32.86
C SER C 93 -25.61 -10.06 -31.99
N SER C 94 -25.08 -11.11 -31.37
CA SER C 94 -23.92 -11.02 -30.50
C SER C 94 -23.15 -12.33 -30.62
N ASP C 95 -21.82 -12.28 -30.44
CA ASP C 95 -20.99 -13.51 -30.46
C ASP C 95 -20.32 -13.74 -29.11
N ASP C 96 -20.07 -12.64 -28.40
CA ASP C 96 -19.42 -12.72 -27.10
C ASP C 96 -20.38 -12.31 -25.97
N MET C 97 -19.92 -12.46 -24.72
CA MET C 97 -20.72 -12.11 -23.57
C MET C 97 -20.17 -10.84 -22.91
N ASP C 98 -19.51 -10.01 -23.70
CA ASP C 98 -18.91 -8.80 -23.14
C ASP C 98 -19.95 -7.71 -22.92
N ILE C 99 -20.54 -7.70 -21.74
CA ILE C 99 -21.58 -6.74 -21.40
C ILE C 99 -21.03 -5.31 -21.38
N THR C 100 -19.77 -5.18 -20.97
CA THR C 100 -19.15 -3.87 -20.79
C THR C 100 -18.98 -3.16 -22.13
N SER C 101 -18.61 -3.93 -23.16
CA SER C 101 -18.54 -3.39 -24.53
C SER C 101 -19.89 -2.90 -24.99
N MET C 102 -20.89 -3.77 -24.89
CA MET C 102 -22.24 -3.37 -25.26
C MET C 102 -22.55 -2.01 -24.68
N PHE C 103 -22.36 -1.84 -23.37
CA PHE C 103 -22.68 -0.57 -22.71
C PHE C 103 -21.84 0.59 -23.23
N ARG C 104 -20.55 0.36 -23.40
CA ARG C 104 -19.64 1.35 -23.98
C ARG C 104 -20.10 1.75 -25.38
N THR C 105 -20.44 0.76 -26.19
CA THR C 105 -20.87 1.03 -27.55
C THR C 105 -22.15 1.87 -27.62
N MET C 106 -23.17 1.44 -26.87
CA MET C 106 -24.45 2.12 -26.87
C MET C 106 -24.30 3.52 -26.30
N ASN C 107 -23.43 3.66 -25.30
CA ASN C 107 -23.16 4.98 -24.73
C ASN C 107 -22.52 5.91 -25.75
N GLU C 108 -21.65 5.35 -26.60
CA GLU C 108 -21.04 6.12 -27.69
C GLU C 108 -22.13 6.62 -28.63
N ALA C 109 -23.06 5.73 -28.98
CA ALA C 109 -24.20 6.06 -29.83
C ALA C 109 -25.04 7.18 -29.21
N VAL C 110 -25.29 7.10 -27.91
CA VAL C 110 -26.05 8.16 -27.24
C VAL C 110 -25.29 9.48 -27.16
N VAL C 111 -23.97 9.40 -26.94
CA VAL C 111 -23.10 10.57 -26.94
C VAL C 111 -23.10 11.28 -28.30
N ASN C 112 -22.94 10.49 -29.37
CA ASN C 112 -23.00 11.02 -30.75
C ASN C 112 -24.37 11.54 -31.16
N SER C 113 -25.43 10.97 -30.58
CA SER C 113 -26.77 11.44 -30.83
C SER C 113 -26.99 12.79 -30.14
N LEU C 114 -26.51 12.92 -28.91
CA LEU C 114 -26.71 14.12 -28.13
C LEU C 114 -25.91 15.31 -28.65
N ARG C 115 -24.76 15.02 -29.25
CA ARG C 115 -23.94 16.06 -29.87
C ARG C 115 -24.70 16.75 -31.00
N ILE C 116 -25.36 15.97 -31.84
CA ILE C 116 -26.30 16.51 -32.82
C ILE C 116 -27.19 17.58 -32.21
N LEU C 117 -27.74 17.29 -31.03
CA LEU C 117 -28.70 18.19 -30.40
C LEU C 117 -27.98 19.34 -29.70
N GLY C 118 -26.65 19.35 -29.78
CA GLY C 118 -25.85 20.35 -29.12
C GLY C 118 -25.75 20.13 -27.62
N LEU C 119 -25.85 18.87 -27.21
CA LEU C 119 -25.72 18.51 -25.81
C LEU C 119 -24.45 17.70 -25.56
N ASP C 120 -23.53 18.27 -24.77
CA ASP C 120 -22.32 17.57 -24.39
C ASP C 120 -22.56 16.65 -23.21
N ALA C 121 -22.35 15.34 -23.41
CA ALA C 121 -22.57 14.35 -22.35
C ALA C 121 -21.60 13.19 -22.49
N ARG C 122 -21.37 12.51 -21.37
CA ARG C 122 -20.48 11.34 -21.25
C ARG C 122 -21.13 10.23 -20.43
N PRO C 123 -20.71 8.98 -20.62
CA PRO C 123 -21.10 7.93 -19.69
C PRO C 123 -20.45 8.22 -18.33
N GLY C 124 -21.08 7.81 -17.23
CA GLY C 124 -20.48 7.96 -15.92
C GLY C 124 -19.21 7.14 -15.77
N GLU C 125 -18.42 7.45 -14.73
CA GLU C 125 -17.15 6.76 -14.49
C GLU C 125 -17.14 5.85 -13.29
N LEU C 126 -17.99 6.13 -12.31
CA LEU C 126 -18.02 5.37 -11.07
C LEU C 126 -18.38 3.91 -11.33
N ASN C 127 -17.74 3.01 -10.59
CA ASN C 127 -17.97 1.58 -10.77
C ASN C 127 -19.11 1.06 -9.91
N ASP C 128 -19.37 1.75 -8.80
CA ASP C 128 -20.34 1.29 -7.82
C ASP C 128 -21.75 1.28 -8.39
N VAL C 129 -22.43 0.15 -8.27
CA VAL C 129 -23.68 -0.08 -8.98
C VAL C 129 -24.93 0.34 -8.21
N SER C 130 -24.75 1.09 -7.12
CA SER C 130 -25.85 1.44 -6.25
C SER C 130 -25.92 2.94 -5.94
N ILE C 131 -25.00 3.71 -6.52
CA ILE C 131 -25.13 5.16 -6.46
C ILE C 131 -26.26 5.53 -7.42
N PRO C 132 -26.91 6.65 -7.15
CA PRO C 132 -28.00 7.13 -8.01
C PRO C 132 -27.49 7.53 -9.40
N VAL C 133 -26.27 8.04 -9.46
CA VAL C 133 -25.76 8.67 -10.66
C VAL C 133 -24.32 8.26 -10.95
N ASN C 134 -23.84 8.55 -12.15
CA ASN C 134 -22.43 8.40 -12.48
C ASN C 134 -22.04 6.94 -12.65
N LYS C 135 -23.02 6.07 -12.80
CA LYS C 135 -22.78 4.68 -13.17
C LYS C 135 -22.42 4.57 -14.65
N LYS C 136 -21.53 3.65 -14.98
CA LYS C 136 -21.08 3.45 -16.35
C LYS C 136 -22.24 3.24 -17.30
N THR C 137 -23.40 2.95 -16.73
CA THR C 137 -24.58 2.70 -17.52
C THR C 137 -25.38 4.00 -17.61
N ASP C 138 -24.99 4.98 -16.82
CA ASP C 138 -25.59 6.34 -16.85
C ASP C 138 -24.95 7.24 -17.89
N ILE C 139 -25.72 8.20 -18.40
CA ILE C 139 -25.16 9.25 -19.26
C ILE C 139 -25.30 10.56 -18.51
N MET C 140 -24.18 11.26 -18.35
CA MET C 140 -24.16 12.50 -17.59
C MET C 140 -23.87 13.67 -18.49
N ALA C 141 -24.74 14.67 -18.46
CA ALA C 141 -24.42 15.96 -19.00
C ALA C 141 -23.71 16.75 -17.91
N GLY C 142 -22.39 16.61 -17.84
CA GLY C 142 -21.64 17.17 -16.72
C GLY C 142 -21.94 16.48 -15.41
N GLU C 143 -22.33 17.27 -14.42
CA GLU C 143 -22.69 16.84 -13.07
C GLU C 143 -24.08 16.25 -12.91
N LYS C 144 -24.97 16.46 -13.89
CA LYS C 144 -26.35 15.96 -13.87
C LYS C 144 -26.53 14.67 -14.69
N LYS C 145 -27.23 13.69 -14.12
CA LYS C 145 -27.67 12.52 -14.87
C LYS C 145 -28.89 12.84 -15.74
N ILE C 146 -28.82 12.47 -17.02
CA ILE C 146 -29.94 12.70 -17.94
C ILE C 146 -30.51 11.41 -18.52
N MET C 147 -29.82 10.30 -18.30
CA MET C 147 -30.22 9.03 -18.89
C MET C 147 -29.69 7.87 -18.09
N GLY C 148 -30.46 6.79 -18.03
CA GLY C 148 -30.02 5.55 -17.42
C GLY C 148 -30.21 4.40 -18.39
N ALA C 149 -29.60 3.25 -18.11
CA ALA C 149 -29.71 2.11 -19.02
C ALA C 149 -29.50 0.79 -18.29
N ALA C 150 -30.05 -0.29 -18.85
CA ALA C 150 -29.79 -1.65 -18.35
C ALA C 150 -29.75 -2.58 -19.53
N GLY C 151 -29.36 -3.85 -19.30
CA GLY C 151 -29.19 -4.77 -20.40
C GLY C 151 -29.08 -6.23 -20.02
N ALA C 152 -29.15 -7.10 -21.03
CA ALA C 152 -28.98 -8.52 -20.82
C ALA C 152 -28.36 -9.19 -22.04
N MET C 153 -27.73 -10.34 -21.84
CA MET C 153 -26.98 -11.01 -22.89
C MET C 153 -27.20 -12.51 -22.85
N ARG C 154 -27.53 -13.09 -24.01
CA ARG C 154 -27.52 -14.54 -24.17
C ARG C 154 -26.91 -14.93 -25.52
N LYS C 155 -26.76 -16.24 -25.73
CA LYS C 155 -26.17 -16.76 -26.96
C LYS C 155 -26.96 -16.28 -28.18
N GLY C 156 -26.31 -15.47 -29.01
CA GLY C 156 -26.85 -15.11 -30.30
C GLY C 156 -27.29 -13.66 -30.37
N ALA C 157 -27.48 -13.05 -29.20
CA ALA C 157 -28.38 -11.91 -29.07
C ALA C 157 -28.11 -11.14 -27.78
N LYS C 158 -28.33 -9.84 -27.81
CA LYS C 158 -28.11 -8.99 -26.67
C LYS C 158 -29.21 -7.94 -26.63
N LEU C 159 -29.53 -7.46 -25.42
CA LEU C 159 -30.52 -6.40 -25.20
C LEU C 159 -29.89 -5.25 -24.42
N TRP C 160 -30.16 -4.02 -24.87
CA TRP C 160 -29.80 -2.81 -24.14
C TRP C 160 -31.02 -1.94 -24.25
N HIS C 161 -31.42 -1.31 -23.14
CA HIS C 161 -32.51 -0.36 -23.17
C HIS C 161 -32.21 0.83 -22.24
N ALA C 162 -32.63 2.03 -22.62
CA ALA C 162 -32.37 3.24 -21.85
C ALA C 162 -33.64 4.05 -21.67
N ALA C 163 -33.66 4.89 -20.64
CA ALA C 163 -34.70 5.91 -20.52
C ALA C 163 -33.99 7.24 -20.39
N MET C 164 -34.35 8.18 -21.26
CA MET C 164 -33.71 9.48 -21.29
C MET C 164 -34.71 10.51 -20.79
N LEU C 165 -34.34 11.26 -19.76
CA LEU C 165 -35.18 12.36 -19.31
C LEU C 165 -35.17 13.49 -20.34
N VAL C 166 -36.33 13.79 -20.91
CA VAL C 166 -36.42 14.87 -21.90
C VAL C 166 -37.23 16.06 -21.39
N HIS C 167 -38.40 15.80 -20.80
CA HIS C 167 -39.13 16.83 -20.05
C HIS C 167 -39.93 16.14 -18.95
N THR C 168 -39.30 15.16 -18.31
CA THR C 168 -39.90 14.45 -17.18
C THR C 168 -40.14 15.38 -15.99
N ASP C 169 -41.09 15.01 -15.15
CA ASP C 169 -41.35 15.74 -13.91
C ASP C 169 -40.33 15.26 -12.90
N LEU C 170 -39.25 16.01 -12.76
CA LEU C 170 -38.10 15.57 -11.96
C LEU C 170 -38.44 15.55 -10.47
N ASP C 171 -39.56 16.17 -10.11
CA ASP C 171 -39.94 16.33 -8.72
C ASP C 171 -40.73 15.12 -8.22
N MET C 172 -41.60 14.60 -9.07
CA MET C 172 -42.37 13.40 -8.75
C MET C 172 -41.51 12.16 -8.84
N LEU C 173 -40.46 12.23 -9.65
CA LEU C 173 -39.46 11.15 -9.72
C LEU C 173 -38.64 11.09 -8.44
N SER C 174 -38.62 12.18 -7.69
CA SER C 174 -37.92 12.24 -6.40
C SER C 174 -38.78 11.69 -5.26
N ALA C 175 -40.05 12.10 -5.22
CA ALA C 175 -40.98 11.65 -4.18
C ALA C 175 -41.15 10.11 -4.13
N VAL C 176 -40.59 9.51 -5.17
CA VAL C 176 -41.16 8.29 -5.74
C VAL C 176 -40.17 7.13 -5.65
N LEU C 177 -38.88 7.47 -5.53
CA LEU C 177 -37.83 6.47 -5.54
C LEU C 177 -37.15 6.37 -4.17
N ARG C 193 -32.41 13.97 -6.94
CA ARG C 193 -33.23 15.18 -6.91
C ARG C 193 -32.45 16.37 -7.46
N GLU C 194 -31.41 16.79 -6.74
CA GLU C 194 -30.50 17.81 -7.22
C GLU C 194 -29.52 17.26 -8.25
N ARG C 195 -29.69 15.98 -8.59
CA ARG C 195 -28.64 15.22 -9.27
C ARG C 195 -29.12 14.73 -10.63
N VAL C 196 -30.40 14.93 -10.91
CA VAL C 196 -30.96 14.62 -12.22
C VAL C 196 -31.33 15.90 -12.97
N ALA C 197 -31.34 15.82 -14.29
CA ALA C 197 -31.79 16.93 -15.12
C ALA C 197 -32.46 16.42 -16.40
N ASN C 198 -33.26 17.29 -17.03
CA ASN C 198 -33.85 16.98 -18.32
C ASN C 198 -32.96 17.49 -19.43
N VAL C 199 -33.09 16.90 -20.61
CA VAL C 199 -32.44 17.41 -21.83
C VAL C 199 -32.84 18.86 -22.18
N THR C 200 -34.08 19.24 -21.86
CA THR C 200 -34.58 20.59 -22.12
C THR C 200 -34.10 21.62 -21.08
N ASP C 201 -33.89 21.29 -19.81
CA ASP C 201 -33.02 22.08 -18.95
C ASP C 201 -31.87 22.70 -19.75
N PHE C 202 -31.35 21.95 -20.71
CA PHE C 202 -30.13 22.34 -21.42
C PHE C 202 -30.45 22.92 -22.79
N VAL C 203 -31.06 22.10 -23.65
CA VAL C 203 -31.35 22.51 -25.02
C VAL C 203 -32.85 22.50 -25.26
N ASP C 204 -33.31 23.38 -26.16
CA ASP C 204 -34.73 23.55 -26.40
C ASP C 204 -35.22 22.62 -27.51
N VAL C 205 -35.63 21.41 -27.12
CA VAL C 205 -35.91 20.36 -28.08
C VAL C 205 -37.12 19.54 -27.66
N SER C 206 -37.82 18.97 -28.65
CA SER C 206 -38.96 18.10 -28.38
C SER C 206 -38.54 16.64 -28.31
N ILE C 207 -39.40 15.81 -27.73
CA ILE C 207 -39.16 14.37 -27.68
C ILE C 207 -38.85 13.82 -29.07
N ASP C 208 -39.52 14.37 -30.08
CA ASP C 208 -39.40 13.86 -31.44
C ASP C 208 -38.05 14.23 -32.04
N GLU C 209 -37.51 15.38 -31.63
CA GLU C 209 -36.18 15.79 -32.05
C GLU C 209 -35.13 14.90 -31.39
N VAL C 210 -35.35 14.58 -30.11
CA VAL C 210 -34.42 13.70 -29.38
C VAL C 210 -34.42 12.31 -30.02
N ARG C 211 -35.60 11.78 -30.30
CA ARG C 211 -35.74 10.51 -30.99
C ARG C 211 -35.03 10.54 -32.35
N ASN C 212 -35.23 11.61 -33.10
CA ASN C 212 -34.63 11.69 -34.43
C ASN C 212 -33.10 11.77 -34.38
N ALA C 213 -32.58 12.53 -33.43
CA ALA C 213 -31.14 12.57 -33.19
C ALA C 213 -30.59 11.20 -32.75
N LEU C 214 -31.38 10.43 -31.99
CA LEU C 214 -30.92 9.11 -31.55
C LEU C 214 -30.91 8.12 -32.70
N ILE C 215 -31.90 8.20 -33.58
CA ILE C 215 -31.91 7.33 -34.75
C ILE C 215 -30.67 7.61 -35.59
N ARG C 216 -30.38 8.88 -35.81
CA ARG C 216 -29.25 9.28 -36.63
C ARG C 216 -27.90 8.93 -35.98
N GLY C 217 -27.78 9.18 -34.68
CA GLY C 217 -26.54 8.86 -33.97
C GLY C 217 -26.28 7.36 -33.89
N PHE C 218 -27.34 6.60 -33.64
CA PHE C 218 -27.27 5.14 -33.62
C PHE C 218 -27.06 4.56 -35.00
N SER C 219 -27.62 5.23 -36.00
CA SER C 219 -27.57 4.73 -37.35
C SER C 219 -26.16 4.91 -37.91
N GLU C 220 -25.48 5.96 -37.49
CA GLU C 220 -24.12 6.16 -37.95
C GLU C 220 -23.02 5.62 -37.05
N THR C 221 -23.22 5.68 -35.73
CA THR C 221 -22.32 4.94 -34.83
C THR C 221 -22.28 3.43 -35.08
N LEU C 222 -23.44 2.82 -35.24
CA LEU C 222 -23.55 1.37 -35.31
C LEU C 222 -23.40 0.88 -36.75
N HIS C 223 -23.46 1.81 -37.70
CA HIS C 223 -23.45 1.47 -39.12
C HIS C 223 -24.70 0.67 -39.49
N ILE C 224 -25.86 1.32 -39.41
CA ILE C 224 -27.12 0.64 -39.70
C ILE C 224 -28.16 1.62 -40.28
N ASP C 225 -28.77 1.22 -41.39
CA ASP C 225 -29.90 1.94 -41.94
C ASP C 225 -31.17 1.38 -41.30
N PHE C 226 -31.70 2.08 -40.30
CA PHE C 226 -32.95 1.67 -39.65
C PHE C 226 -34.16 2.12 -40.46
N ARG C 227 -35.03 1.17 -40.79
CA ARG C 227 -36.23 1.47 -41.57
C ARG C 227 -37.48 1.02 -40.84
N GLU C 228 -38.46 1.91 -40.74
CA GLU C 228 -39.74 1.58 -40.11
C GLU C 228 -40.18 0.17 -40.45
N ASP C 229 -40.29 -0.68 -39.44
CA ASP C 229 -41.03 -1.93 -39.56
C ASP C 229 -42.20 -1.98 -38.58
N THR C 230 -42.97 -3.06 -38.63
CA THR C 230 -43.92 -3.38 -37.58
C THR C 230 -43.46 -4.64 -36.87
N ILE C 231 -44.14 -4.95 -35.78
CA ILE C 231 -43.85 -6.15 -35.01
C ILE C 231 -44.30 -7.37 -35.81
N THR C 232 -43.48 -8.42 -35.80
CA THR C 232 -43.87 -9.65 -36.50
C THR C 232 -44.88 -10.45 -35.67
N GLU C 233 -45.65 -11.31 -36.34
CA GLU C 233 -46.61 -12.18 -35.65
C GLU C 233 -45.95 -12.97 -34.50
N LYS C 234 -44.76 -13.49 -34.73
CA LYS C 234 -44.09 -14.28 -33.69
C LYS C 234 -43.77 -13.41 -32.48
N GLU C 235 -43.11 -12.27 -32.71
CA GLU C 235 -42.79 -11.34 -31.64
C GLU C 235 -44.06 -11.01 -30.85
N GLU C 236 -45.16 -10.81 -31.58
CA GLU C 236 -46.42 -10.37 -30.99
C GLU C 236 -47.16 -11.47 -30.22
N SER C 237 -47.08 -12.70 -30.70
CA SER C 237 -47.64 -13.84 -30.00
C SER C 237 -46.90 -14.12 -28.70
N LEU C 238 -45.57 -14.02 -28.74
CA LEU C 238 -44.76 -14.17 -27.55
C LEU C 238 -45.08 -13.08 -26.52
N ALA C 239 -45.08 -11.83 -26.96
CA ALA C 239 -45.34 -10.71 -26.08
C ALA C 239 -46.64 -10.87 -25.31
N ARG C 240 -47.71 -11.23 -26.02
CA ARG C 240 -49.01 -11.30 -25.42
C ARG C 240 -48.97 -12.38 -24.38
N GLU C 241 -48.34 -13.50 -24.75
CA GLU C 241 -48.13 -14.64 -23.86
C GLU C 241 -47.42 -14.23 -22.58
N LEU C 242 -46.38 -13.42 -22.71
CA LEU C 242 -45.60 -12.96 -21.56
C LEU C 242 -46.40 -12.02 -20.67
N PHE C 243 -47.25 -11.20 -21.27
CA PHE C 243 -48.14 -10.32 -20.51
C PHE C 243 -49.18 -11.13 -19.75
N ASP C 244 -49.90 -12.02 -20.43
CA ASP C 244 -50.97 -12.78 -19.80
C ASP C 244 -50.42 -13.58 -18.62
N LYS C 245 -49.39 -14.37 -18.90
CA LYS C 245 -48.83 -15.29 -17.90
C LYS C 245 -47.91 -14.64 -16.88
N LYS C 246 -47.30 -13.50 -17.22
CA LYS C 246 -46.24 -12.93 -16.37
C LYS C 246 -46.40 -11.47 -16.02
N TYR C 247 -46.12 -10.57 -16.96
CA TYR C 247 -46.10 -9.14 -16.65
C TYR C 247 -47.41 -8.58 -16.09
N SER C 248 -48.53 -9.22 -16.40
CA SER C 248 -49.82 -8.70 -15.92
C SER C 248 -50.21 -9.22 -14.54
N THR C 249 -49.37 -10.06 -13.95
CA THR C 249 -49.68 -10.67 -12.66
C THR C 249 -48.96 -9.99 -11.51
N GLU C 250 -49.56 -10.07 -10.32
CA GLU C 250 -48.92 -9.57 -9.11
C GLU C 250 -47.88 -10.51 -8.50
N GLU C 251 -47.88 -11.76 -8.96
CA GLU C 251 -46.78 -12.67 -8.68
C GLU C 251 -45.49 -12.09 -9.25
N TRP C 252 -45.56 -11.63 -10.49
CA TRP C 252 -44.38 -11.15 -11.20
C TRP C 252 -43.93 -9.80 -10.64
N ASN C 253 -44.85 -8.84 -10.63
CA ASN C 253 -44.50 -7.44 -10.47
C ASN C 253 -44.16 -7.09 -9.02
N MET C 254 -44.68 -7.89 -8.10
CA MET C 254 -44.62 -7.54 -6.68
C MET C 254 -43.92 -8.63 -5.87
N GLY C 255 -43.73 -9.79 -6.49
CA GLY C 255 -42.92 -10.84 -5.90
C GLY C 255 -43.73 -11.77 -5.03
N LEU C 256 -45.03 -11.86 -5.30
CA LEU C 256 -45.95 -12.62 -4.45
C LEU C 256 -46.15 -14.03 -4.98
N MET D 1 8.15 6.19 -32.12
CA MET D 1 9.57 6.52 -32.11
C MET D 1 9.79 8.03 -31.93
N GLU D 2 9.33 8.81 -32.91
CA GLU D 2 9.46 10.26 -32.85
C GLU D 2 8.36 10.86 -31.99
N GLY D 3 8.72 11.85 -31.17
CA GLY D 3 7.80 12.45 -30.24
C GLY D 3 7.80 13.97 -30.33
N ARG D 4 6.67 14.58 -29.99
CA ARG D 4 6.56 16.04 -29.97
C ARG D 4 6.55 16.58 -28.53
N LEU D 5 7.56 17.37 -28.20
CA LEU D 5 7.51 18.14 -26.96
C LEU D 5 6.84 19.50 -27.22
N LEU D 6 5.63 19.68 -26.68
CA LEU D 6 4.96 20.97 -26.72
C LEU D 6 5.21 21.76 -25.43
N LEU D 7 6.00 22.83 -25.55
CA LEU D 7 5.99 23.88 -24.55
C LEU D 7 4.93 24.93 -24.86
N LEU D 8 3.81 24.85 -24.14
CA LEU D 8 2.55 25.36 -24.66
C LEU D 8 1.58 25.71 -23.52
N GLU D 9 1.68 26.94 -23.03
CA GLU D 9 1.05 27.32 -21.77
C GLU D 9 0.48 28.73 -21.83
N THR D 10 -0.77 28.87 -21.42
CA THR D 10 -1.38 30.19 -21.25
C THR D 10 -1.78 30.27 -19.78
N PRO D 11 -0.81 30.62 -18.94
CA PRO D 11 -1.01 30.49 -17.50
C PRO D 11 -2.03 31.46 -16.96
N GLY D 12 -2.19 32.61 -17.63
CA GLY D 12 -3.16 33.62 -17.24
C GLY D 12 -4.58 33.27 -17.66
N ASN D 13 -4.71 32.16 -18.38
CA ASN D 13 -6.00 31.74 -18.94
C ASN D 13 -6.19 30.24 -18.90
N THR D 14 -6.54 29.72 -17.72
CA THR D 14 -6.54 28.29 -17.48
C THR D 14 -7.54 27.59 -18.39
N ARG D 15 -8.62 28.28 -18.74
CA ARG D 15 -9.70 27.69 -19.51
C ARG D 15 -9.29 27.48 -20.98
N MET D 16 -8.46 28.38 -21.48
CA MET D 16 -7.81 28.19 -22.78
C MET D 16 -6.85 27.00 -22.68
N SER D 17 -6.07 26.98 -21.60
CA SER D 17 -5.07 25.94 -21.37
C SER D 17 -5.70 24.56 -21.34
N LEU D 18 -6.85 24.46 -20.67
CA LEU D 18 -7.62 23.21 -20.67
C LEU D 18 -8.21 22.92 -22.05
N ALA D 19 -8.47 23.98 -22.79
CA ALA D 19 -8.92 23.85 -24.19
C ALA D 19 -7.84 23.20 -25.05
N TYR D 20 -6.59 23.57 -24.84
CA TYR D 20 -5.49 22.99 -25.60
C TYR D 20 -5.35 21.49 -25.34
N ASP D 21 -5.66 21.06 -24.12
CA ASP D 21 -5.52 19.65 -23.77
C ASP D 21 -6.50 18.80 -24.56
N GLU D 22 -7.76 19.18 -24.54
CA GLU D 22 -8.80 18.45 -25.27
C GLU D 22 -8.55 18.48 -26.77
N ALA D 23 -8.08 19.62 -27.26
CA ALA D 23 -7.83 19.79 -28.68
C ALA D 23 -6.72 18.86 -29.17
N ILE D 24 -5.58 18.91 -28.48
CA ILE D 24 -4.45 18.05 -28.83
C ILE D 24 -4.83 16.58 -28.78
N TYR D 25 -5.69 16.23 -27.83
CA TYR D 25 -6.08 14.84 -27.61
C TYR D 25 -7.10 14.38 -28.65
N ARG D 26 -7.93 15.32 -29.09
CA ARG D 26 -9.11 14.98 -29.89
C ARG D 26 -8.79 15.00 -31.38
N SER D 27 -7.85 15.84 -31.76
CA SER D 27 -7.37 15.88 -33.14
C SER D 27 -6.25 14.85 -33.38
N PHE D 28 -5.82 14.20 -32.30
CA PHE D 28 -4.84 13.12 -32.42
C PHE D 28 -5.44 11.91 -33.11
N GLN D 29 -4.80 11.48 -34.20
CA GLN D 29 -5.26 10.32 -34.96
C GLN D 29 -4.30 9.15 -34.81
N TYR D 30 -4.85 7.94 -34.78
CA TYR D 30 -4.05 6.74 -34.52
C TYR D 30 -2.83 6.68 -35.44
N GLY D 31 -1.66 6.59 -34.83
CA GLY D 31 -0.40 6.56 -35.59
C GLY D 31 0.42 7.83 -35.48
N ASP D 32 -0.18 8.89 -34.94
CA ASP D 32 0.49 10.19 -34.78
C ASP D 32 1.67 10.14 -33.82
N LYS D 33 2.49 11.20 -33.82
CA LYS D 33 3.60 11.28 -32.88
C LYS D 33 3.06 11.50 -31.47
N PRO D 34 3.62 10.77 -30.50
CA PRO D 34 3.21 10.94 -29.10
C PRO D 34 3.47 12.37 -28.68
N ILE D 35 2.59 12.93 -27.85
CA ILE D 35 2.73 14.33 -27.44
C ILE D 35 2.96 14.47 -25.94
N LEU D 36 4.09 15.08 -25.57
CA LEU D 36 4.33 15.48 -24.20
C LEU D 36 4.21 17.01 -24.09
N ARG D 37 3.57 17.84 -23.41
CA ARG D 37 3.12 19.20 -23.13
C ARG D 37 3.30 19.55 -21.65
N PHE D 38 4.04 20.41 -21.50
CA PHE D 38 4.28 21.01 -20.18
C PHE D 38 3.62 22.39 -20.08
N TYR D 39 3.01 22.70 -18.95
CA TYR D 39 2.36 24.00 -18.81
C TYR D 39 2.04 24.31 -17.34
N ARG D 40 1.75 25.57 -17.06
CA ARG D 40 1.36 25.95 -15.72
C ARG D 40 0.11 26.82 -15.75
N HIS D 41 -0.66 26.78 -14.67
CA HIS D 41 -1.73 27.75 -14.45
C HIS D 41 -1.44 28.62 -13.23
N ASP D 42 -2.02 29.81 -13.21
CA ASP D 42 -1.63 30.84 -12.26
C ASP D 42 -2.31 30.64 -10.91
N ARG D 43 -3.60 30.96 -10.86
CA ARG D 43 -4.37 30.82 -9.62
C ARG D 43 -5.74 30.20 -9.90
N SER D 44 -5.77 28.87 -10.00
CA SER D 44 -6.91 28.19 -10.59
C SER D 44 -7.35 27.01 -9.72
N VAL D 45 -8.67 26.82 -9.62
CA VAL D 45 -9.22 25.57 -9.11
C VAL D 45 -9.90 24.77 -10.21
N ILE D 46 -9.53 23.51 -10.35
CA ILE D 46 -9.87 22.73 -11.53
C ILE D 46 -10.66 21.48 -11.16
N ILE D 47 -11.93 21.45 -11.55
CA ILE D 47 -12.87 20.47 -11.02
C ILE D 47 -13.34 19.52 -12.11
N GLY D 48 -13.43 18.24 -11.78
CA GLY D 48 -13.60 17.20 -12.79
C GLY D 48 -14.86 17.41 -13.61
N TYR D 49 -14.89 16.84 -14.81
CA TYR D 49 -16.05 16.95 -15.69
C TYR D 49 -17.36 16.72 -14.99
N PHE D 50 -17.43 15.72 -14.13
CA PHE D 50 -18.69 15.33 -13.50
C PHE D 50 -18.97 16.04 -12.18
N GLN D 51 -18.12 16.97 -11.80
CA GLN D 51 -18.19 17.52 -10.44
C GLN D 51 -19.14 18.70 -10.29
N VAL D 52 -19.69 18.87 -9.09
CA VAL D 52 -20.55 20.02 -8.76
C VAL D 52 -19.70 21.16 -8.23
N ALA D 53 -19.57 22.23 -9.00
CA ALA D 53 -18.70 23.34 -8.63
C ALA D 53 -18.79 23.66 -7.13
N GLU D 54 -19.99 24.01 -6.68
CA GLU D 54 -20.22 24.50 -5.32
C GLU D 54 -19.92 23.47 -4.22
N GLU D 55 -19.89 22.19 -4.58
CA GLU D 55 -19.59 21.16 -3.59
C GLU D 55 -18.09 20.95 -3.35
N GLU D 56 -17.27 21.33 -4.33
CA GLU D 56 -15.85 21.02 -4.31
C GLU D 56 -15.04 22.21 -3.80
N VAL D 57 -15.47 23.41 -4.18
CA VAL D 57 -14.68 24.61 -3.92
C VAL D 57 -15.36 25.53 -2.91
N ASP D 58 -14.56 26.19 -2.08
CA ASP D 58 -15.03 27.34 -1.33
C ASP D 58 -15.34 28.51 -2.26
N LEU D 59 -16.57 28.54 -2.77
CA LEU D 59 -16.90 29.36 -3.93
C LEU D 59 -16.88 30.85 -3.57
N TYR D 61 -14.88 31.83 -1.46
CA TYR D 61 -13.50 32.13 -1.04
C TYR D 61 -12.62 32.44 -2.25
N MET D 62 -13.20 32.36 -3.44
CA MET D 62 -12.41 32.15 -4.65
C MET D 62 -12.39 33.41 -5.51
N LYS D 63 -13.53 34.07 -5.61
CA LYS D 63 -13.56 35.50 -5.94
C LYS D 63 -12.65 36.30 -5.02
N LYS D 64 -12.81 36.10 -3.73
CA LYS D 64 -11.94 36.74 -2.74
C LYS D 64 -10.50 36.85 -3.25
N ASN D 65 -9.96 35.73 -3.71
CA ASN D 65 -8.52 35.56 -3.81
C ASN D 65 -8.04 35.42 -5.25
N GLY D 66 -8.89 35.84 -6.18
CA GLY D 66 -8.53 35.83 -7.61
C GLY D 66 -8.37 34.46 -8.27
N ILE D 67 -8.81 33.41 -7.58
CA ILE D 67 -8.72 32.06 -8.11
C ILE D 67 -9.78 31.81 -9.19
N MET D 68 -9.32 31.41 -10.37
CA MET D 68 -10.23 31.07 -11.46
C MET D 68 -10.82 29.68 -11.26
N LEU D 69 -12.03 29.48 -11.78
CA LEU D 69 -12.64 28.15 -11.79
C LEU D 69 -12.75 27.61 -13.21
N ALA D 70 -12.16 26.44 -13.44
CA ALA D 70 -12.22 25.79 -14.74
C ALA D 70 -12.62 24.32 -14.61
N ARG D 71 -13.64 23.91 -15.36
CA ARG D 71 -14.01 22.51 -15.45
C ARG D 71 -13.23 21.88 -16.59
N ARG D 72 -12.63 20.72 -16.35
CA ARG D 72 -11.85 20.06 -17.38
C ARG D 72 -12.61 18.93 -18.06
N TYR D 73 -12.01 18.38 -19.09
CA TYR D 73 -12.63 17.35 -19.88
C TYR D 73 -12.63 15.99 -19.19
N THR D 74 -11.61 15.71 -18.38
CA THR D 74 -11.51 14.42 -17.72
C THR D 74 -12.31 14.40 -16.40
N GLY D 75 -12.70 13.21 -15.97
CA GLY D 75 -13.31 13.02 -14.65
C GLY D 75 -12.25 13.16 -13.58
N GLY D 76 -12.58 12.79 -12.35
CA GLY D 76 -11.63 12.91 -11.27
C GLY D 76 -12.09 14.03 -10.35
N GLY D 77 -11.28 14.34 -9.34
CA GLY D 77 -11.63 15.34 -8.34
C GLY D 77 -11.03 16.69 -8.60
N ALA D 78 -11.20 17.61 -7.65
CA ALA D 78 -10.76 18.99 -7.83
C ALA D 78 -9.34 19.23 -7.36
N VAL D 79 -8.60 20.06 -8.10
CA VAL D 79 -7.22 20.39 -7.77
C VAL D 79 -7.01 21.89 -7.73
N TYR D 80 -6.02 22.35 -6.97
CA TYR D 80 -5.62 23.74 -7.00
C TYR D 80 -4.31 23.85 -7.78
N HIS D 81 -4.26 24.79 -8.71
CA HIS D 81 -3.02 25.06 -9.45
C HIS D 81 -2.54 26.49 -9.20
N ASP D 82 -1.23 26.65 -9.11
CA ASP D 82 -0.61 27.94 -9.26
C ASP D 82 0.69 27.72 -10.00
N LEU D 83 1.52 28.77 -10.09
CA LEU D 83 2.72 28.70 -10.89
C LEU D 83 3.76 27.79 -10.26
N GLY D 84 3.56 27.41 -9.01
CA GLY D 84 4.48 26.49 -8.33
C GLY D 84 4.14 25.05 -8.67
N ASP D 85 3.18 24.90 -9.58
CA ASP D 85 2.61 23.64 -9.96
C ASP D 85 2.95 23.38 -11.42
N LEU D 86 3.59 22.24 -11.71
CA LEU D 86 3.93 21.90 -13.09
C LEU D 86 2.94 20.89 -13.63
N ASN D 87 2.20 21.24 -14.67
CA ASN D 87 1.30 20.26 -15.26
C ASN D 87 1.93 19.66 -16.49
N PHE D 88 1.53 18.44 -16.81
CA PHE D 88 1.94 17.82 -18.06
C PHE D 88 0.88 16.84 -18.58
N SER D 89 0.81 16.72 -19.89
CA SER D 89 -0.19 15.86 -20.52
C SER D 89 0.49 15.02 -21.58
N VAL D 90 0.03 13.77 -21.71
CA VAL D 90 0.58 12.83 -22.68
C VAL D 90 -0.54 12.29 -23.57
N VAL D 91 -0.31 12.31 -24.87
CA VAL D 91 -1.29 11.78 -25.81
C VAL D 91 -0.58 10.78 -26.69
N ARG D 92 -1.21 9.63 -26.87
CA ARG D 92 -0.60 8.51 -27.58
C ARG D 92 -1.68 7.69 -28.25
N SER D 93 -1.28 6.85 -29.19
CA SER D 93 -2.18 5.88 -29.80
C SER D 93 -2.65 4.85 -28.76
N SER D 94 -3.85 4.32 -28.97
CA SER D 94 -4.39 3.29 -28.09
C SER D 94 -4.97 2.13 -28.90
N ASP D 95 -4.70 0.91 -28.44
CA ASP D 95 -5.31 -0.28 -29.03
C ASP D 95 -6.33 -0.89 -28.08
N ASP D 96 -6.39 -0.38 -26.86
CA ASP D 96 -7.17 -1.00 -25.79
C ASP D 96 -7.82 0.05 -24.90
N MET D 97 -8.88 -0.35 -24.20
CA MET D 97 -9.54 0.54 -23.25
C MET D 97 -9.06 0.27 -21.83
N ASP D 98 -7.81 -0.14 -21.69
CA ASP D 98 -7.26 -0.47 -20.38
C ASP D 98 -6.69 0.75 -19.66
N ILE D 99 -7.57 1.55 -19.08
CA ILE D 99 -7.18 2.82 -18.48
C ILE D 99 -6.37 2.59 -17.19
N THR D 100 -6.53 1.41 -16.61
CA THR D 100 -5.73 1.02 -15.45
C THR D 100 -4.28 0.80 -15.84
N SER D 101 -4.06 0.31 -17.06
CA SER D 101 -2.71 0.08 -17.57
C SER D 101 -2.00 1.40 -17.86
N MET D 102 -2.76 2.41 -18.24
CA MET D 102 -2.20 3.69 -18.61
C MET D 102 -1.63 4.39 -17.38
N PHE D 103 -2.44 4.49 -16.33
CA PHE D 103 -1.98 5.07 -15.07
C PHE D 103 -0.74 4.36 -14.53
N ARG D 104 -0.73 3.03 -14.60
CA ARG D 104 0.45 2.29 -14.16
C ARG D 104 1.69 2.75 -14.91
N THR D 105 1.66 2.62 -16.24
CA THR D 105 2.78 3.02 -17.10
C THR D 105 3.21 4.47 -16.85
N MET D 106 2.25 5.37 -16.76
CA MET D 106 2.57 6.79 -16.63
C MET D 106 3.18 7.07 -15.26
N ASN D 107 2.62 6.45 -14.22
CA ASN D 107 3.20 6.54 -12.88
C ASN D 107 4.62 6.01 -12.87
N GLU D 108 4.86 5.01 -13.72
CA GLU D 108 6.18 4.41 -13.89
C GLU D 108 7.17 5.47 -14.39
N ALA D 109 6.80 6.12 -15.50
CA ALA D 109 7.57 7.23 -16.05
C ALA D 109 7.91 8.26 -14.97
N VAL D 110 6.89 8.69 -14.23
CA VAL D 110 7.09 9.68 -13.17
C VAL D 110 8.04 9.23 -12.06
N VAL D 111 7.87 8.00 -11.58
CA VAL D 111 8.74 7.48 -10.52
C VAL D 111 10.20 7.53 -10.96
N ASN D 112 10.44 7.09 -12.19
CA ASN D 112 11.76 7.10 -12.79
C ASN D 112 12.31 8.51 -12.98
N SER D 113 11.43 9.43 -13.35
CA SER D 113 11.78 10.83 -13.50
C SER D 113 12.25 11.44 -12.17
N LEU D 114 11.45 11.27 -11.13
CA LEU D 114 11.79 11.77 -9.80
C LEU D 114 13.04 11.10 -9.24
N ARG D 115 13.34 9.89 -9.73
CA ARG D 115 14.53 9.18 -9.33
C ARG D 115 15.79 9.94 -9.75
N ILE D 116 15.80 10.42 -10.99
CA ILE D 116 16.91 11.21 -11.49
C ILE D 116 17.07 12.51 -10.70
N LEU D 117 16.00 12.91 -10.02
CA LEU D 117 16.01 14.11 -9.19
C LEU D 117 16.52 13.80 -7.78
N GLY D 118 16.58 12.51 -7.45
CA GLY D 118 16.92 12.09 -6.10
C GLY D 118 15.72 12.06 -5.18
N LEU D 119 14.54 11.92 -5.77
CA LEU D 119 13.31 11.78 -5.00
C LEU D 119 12.70 10.39 -5.16
N ASP D 120 12.62 9.65 -4.07
CA ASP D 120 11.94 8.36 -4.06
C ASP D 120 10.44 8.53 -3.86
N ALA D 121 9.66 7.94 -4.74
CA ALA D 121 8.21 8.12 -4.74
C ALA D 121 7.50 6.93 -5.36
N ARG D 122 6.24 6.72 -4.98
CA ARG D 122 5.42 5.66 -5.55
C ARG D 122 3.98 6.12 -5.73
N PRO D 123 3.35 5.63 -6.80
CA PRO D 123 1.90 5.74 -6.95
C PRO D 123 1.16 5.16 -5.75
N GLY D 124 0.01 5.74 -5.41
CA GLY D 124 -0.72 5.34 -4.23
C GLY D 124 -1.20 3.93 -4.43
N GLU D 125 -1.76 3.33 -3.37
CA GLU D 125 -2.11 1.92 -3.39
C GLU D 125 -3.63 1.63 -3.39
N LEU D 126 -4.46 2.63 -3.08
CA LEU D 126 -5.89 2.38 -2.90
C LEU D 126 -6.75 2.65 -4.15
N ASN D 127 -7.84 1.88 -4.28
CA ASN D 127 -8.73 2.00 -5.45
C ASN D 127 -9.84 3.02 -5.28
N ASP D 128 -10.09 3.44 -4.04
CA ASP D 128 -11.20 4.37 -3.78
C ASP D 128 -10.93 5.74 -4.41
N VAL D 129 -11.72 6.08 -5.43
CA VAL D 129 -11.52 7.30 -6.21
C VAL D 129 -11.94 8.56 -5.46
N SER D 130 -12.57 8.40 -4.30
CA SER D 130 -13.13 9.54 -3.58
C SER D 130 -12.20 10.12 -2.51
N ILE D 131 -11.15 9.37 -2.16
CA ILE D 131 -10.22 9.83 -1.13
C ILE D 131 -9.25 10.86 -1.70
N PRO D 132 -8.76 11.74 -0.82
CA PRO D 132 -7.86 12.83 -1.22
C PRO D 132 -6.47 12.36 -1.69
N VAL D 133 -5.92 11.34 -1.04
CA VAL D 133 -4.55 10.90 -1.31
C VAL D 133 -4.41 9.37 -1.30
N ASN D 134 -3.23 8.89 -1.71
CA ASN D 134 -2.94 7.46 -1.75
C ASN D 134 -3.82 6.71 -2.73
N LYS D 135 -4.33 7.40 -3.75
CA LYS D 135 -5.01 6.72 -4.84
C LYS D 135 -4.01 6.15 -5.83
N LYS D 136 -4.46 5.24 -6.68
CA LYS D 136 -3.61 4.69 -7.73
C LYS D 136 -3.15 5.68 -8.78
N THR D 137 -3.82 6.83 -8.86
CA THR D 137 -3.46 7.90 -9.79
C THR D 137 -2.61 9.00 -9.14
N ASP D 138 -2.48 8.92 -7.81
CA ASP D 138 -1.61 9.82 -7.07
C ASP D 138 -0.19 9.30 -7.07
N ILE D 139 0.75 10.22 -6.99
CA ILE D 139 2.13 9.87 -6.74
C ILE D 139 2.49 10.35 -5.34
N MET D 140 2.99 9.42 -4.53
CA MET D 140 3.21 9.66 -3.10
C MET D 140 4.68 9.65 -2.69
N ALA D 141 5.10 10.69 -1.98
CA ALA D 141 6.39 10.66 -1.30
C ALA D 141 6.13 10.30 0.15
N GLY D 142 6.20 9.01 0.45
CA GLY D 142 5.69 8.50 1.71
C GLY D 142 4.21 8.73 1.87
N GLU D 143 3.84 9.31 3.00
CA GLU D 143 2.45 9.59 3.33
C GLU D 143 1.92 10.87 2.64
N LYS D 144 2.79 11.56 1.89
CA LYS D 144 2.42 12.83 1.21
C LYS D 144 2.19 12.71 -0.29
N LYS D 145 1.05 13.22 -0.75
CA LYS D 145 0.80 13.29 -2.17
C LYS D 145 1.62 14.44 -2.74
N ILE D 146 2.34 14.18 -3.84
CA ILE D 146 3.07 15.25 -4.52
C ILE D 146 2.54 15.46 -5.93
N MET D 147 1.53 14.68 -6.31
CA MET D 147 1.02 14.67 -7.68
C MET D 147 -0.23 13.81 -7.84
N GLY D 148 -1.21 14.33 -8.57
CA GLY D 148 -2.39 13.57 -8.96
C GLY D 148 -2.51 13.59 -10.48
N ALA D 149 -3.39 12.76 -11.02
CA ALA D 149 -3.52 12.66 -12.47
C ALA D 149 -4.91 12.19 -12.85
N ALA D 150 -5.32 12.52 -14.08
CA ALA D 150 -6.55 11.97 -14.65
C ALA D 150 -6.32 11.67 -16.12
N GLY D 151 -7.29 11.07 -16.77
CA GLY D 151 -7.11 10.71 -18.15
C GLY D 151 -8.40 10.25 -18.78
N ALA D 152 -8.34 9.95 -20.07
CA ALA D 152 -9.49 9.46 -20.79
C ALA D 152 -9.03 8.64 -21.98
N MET D 153 -9.93 7.83 -22.53
CA MET D 153 -9.60 6.97 -23.66
C MET D 153 -10.76 6.93 -24.67
N ARG D 154 -10.58 6.15 -25.72
CA ARG D 154 -11.10 6.52 -27.04
C ARG D 154 -10.75 5.46 -28.08
N LYS D 155 -11.52 5.42 -29.16
CA LYS D 155 -11.13 4.70 -30.37
C LYS D 155 -9.89 5.31 -31.00
N GLY D 156 -8.72 4.78 -30.65
CA GLY D 156 -7.47 5.21 -31.27
C GLY D 156 -6.50 6.04 -30.44
N ALA D 157 -6.94 6.55 -29.30
CA ALA D 157 -6.09 7.45 -28.50
C ALA D 157 -6.35 7.51 -27.00
N LYS D 158 -5.35 7.92 -26.24
CA LYS D 158 -5.49 8.07 -24.81
C LYS D 158 -4.85 9.35 -24.30
N LEU D 159 -5.53 10.01 -23.36
CA LEU D 159 -5.02 11.20 -22.70
C LEU D 159 -4.75 10.96 -21.22
N TRP D 160 -3.55 11.32 -20.78
CA TRP D 160 -3.22 11.30 -19.37
C TRP D 160 -2.64 12.68 -19.04
N HIS D 161 -3.00 13.21 -17.88
CA HIS D 161 -2.44 14.49 -17.52
C HIS D 161 -2.29 14.64 -16.03
N ALA D 162 -1.23 15.32 -15.62
CA ALA D 162 -0.87 15.38 -14.25
C ALA D 162 -0.52 16.79 -13.84
N ALA D 163 -0.57 17.00 -12.53
CA ALA D 163 -0.10 18.21 -11.91
C ALA D 163 0.79 17.78 -10.77
N MET D 164 2.04 18.21 -10.80
CA MET D 164 2.98 17.92 -9.74
C MET D 164 3.20 19.17 -8.89
N LEU D 165 3.01 19.01 -7.58
CA LEU D 165 3.32 20.06 -6.64
C LEU D 165 4.83 20.27 -6.56
N VAL D 166 5.32 21.40 -7.07
CA VAL D 166 6.75 21.68 -7.02
C VAL D 166 7.06 22.78 -5.99
N HIS D 167 6.51 23.98 -6.19
CA HIS D 167 6.52 24.99 -5.11
C HIS D 167 5.19 25.73 -4.98
N THR D 168 4.12 24.96 -4.83
CA THR D 168 2.78 25.54 -4.75
C THR D 168 2.46 26.06 -3.35
N ASP D 169 1.61 27.08 -3.29
CA ASP D 169 1.15 27.60 -2.01
C ASP D 169 0.21 26.58 -1.39
N LEU D 170 0.76 25.65 -0.60
CA LEU D 170 -0.02 24.53 -0.06
C LEU D 170 -1.16 24.99 0.86
N ASP D 171 -0.97 26.15 1.48
CA ASP D 171 -1.96 26.76 2.37
C ASP D 171 -3.23 27.25 1.66
N MET D 172 -3.05 27.75 0.44
CA MET D 172 -4.18 28.20 -0.38
C MET D 172 -4.85 27.10 -1.19
N LEU D 173 -4.04 26.15 -1.68
CA LEU D 173 -4.55 24.83 -2.05
C LEU D 173 -5.55 24.33 -1.03
N SER D 174 -5.18 24.37 0.24
CA SER D 174 -5.91 23.66 1.29
C SER D 174 -7.23 24.35 1.60
N ALA D 175 -7.26 25.67 1.44
CA ALA D 175 -8.36 26.48 1.93
C ALA D 175 -9.48 26.58 0.89
N VAL D 176 -9.10 26.63 -0.38
CA VAL D 176 -10.04 26.88 -1.46
C VAL D 176 -10.85 25.62 -1.78
N LEU D 177 -10.33 24.47 -1.38
CA LEU D 177 -10.97 23.20 -1.68
C LEU D 177 -11.98 22.82 -0.60
N GLU D 194 -1.96 19.30 4.73
CA GLU D 194 -1.98 18.23 5.72
C GLU D 194 -1.40 16.94 5.15
N ARG D 195 -1.87 16.56 3.97
CA ARG D 195 -1.47 15.30 3.36
C ARG D 195 -0.82 15.52 1.99
N VAL D 196 -0.57 16.78 1.67
CA VAL D 196 0.12 17.14 0.42
C VAL D 196 1.50 17.68 0.72
N ALA D 197 2.36 17.70 -0.29
CA ALA D 197 3.70 18.26 -0.11
C ALA D 197 4.22 18.72 -1.45
N ASN D 198 5.25 19.54 -1.42
CA ASN D 198 5.86 20.03 -2.64
C ASN D 198 7.11 19.21 -2.88
N VAL D 199 7.45 19.01 -4.15
CA VAL D 199 8.70 18.34 -4.52
C VAL D 199 9.90 18.98 -3.84
N THR D 200 9.86 20.31 -3.68
CA THR D 200 10.96 21.03 -3.03
C THR D 200 10.99 20.84 -1.52
N ASP D 201 9.95 20.23 -0.95
CA ASP D 201 9.98 19.90 0.47
C ASP D 201 10.99 18.77 0.72
N PHE D 202 11.38 18.08 -0.35
CA PHE D 202 12.22 16.90 -0.23
C PHE D 202 13.61 17.15 -0.81
N VAL D 203 13.66 17.80 -1.96
CA VAL D 203 14.93 18.09 -2.64
C VAL D 203 14.92 19.49 -3.23
N ASP D 204 16.10 20.10 -3.31
CA ASP D 204 16.23 21.47 -3.75
C ASP D 204 16.31 21.50 -5.26
N VAL D 205 15.16 21.71 -5.91
CA VAL D 205 15.09 21.62 -7.37
C VAL D 205 14.26 22.78 -7.92
N SER D 206 14.49 23.15 -9.17
CA SER D 206 13.67 24.16 -9.86
C SER D 206 12.58 23.49 -10.69
N ILE D 207 11.60 24.27 -11.15
CA ILE D 207 10.55 23.72 -12.00
C ILE D 207 11.10 23.25 -13.35
N ASP D 208 12.06 24.00 -13.89
CA ASP D 208 12.78 23.57 -15.09
C ASP D 208 13.48 22.22 -14.86
N GLU D 209 14.17 22.08 -13.74
CA GLU D 209 14.88 20.82 -13.42
C GLU D 209 13.93 19.64 -13.34
N VAL D 210 12.78 19.84 -12.68
CA VAL D 210 11.74 18.84 -12.60
C VAL D 210 11.18 18.51 -13.98
N ARG D 211 10.99 19.53 -14.81
CA ARG D 211 10.52 19.32 -16.17
C ARG D 211 11.50 18.49 -16.99
N ASN D 212 12.79 18.84 -16.93
CA ASN D 212 13.81 18.12 -17.67
C ASN D 212 13.93 16.65 -17.24
N ALA D 213 13.84 16.41 -15.93
CA ALA D 213 13.90 15.05 -15.41
C ALA D 213 12.70 14.23 -15.90
N LEU D 214 11.54 14.89 -15.99
CA LEU D 214 10.36 14.24 -16.53
C LEU D 214 10.47 13.93 -18.04
N ILE D 215 11.17 14.79 -18.78
CA ILE D 215 11.36 14.56 -20.21
C ILE D 215 12.25 13.35 -20.41
N ARG D 216 13.38 13.33 -19.70
CA ARG D 216 14.33 12.21 -19.74
C ARG D 216 13.68 10.95 -19.18
N GLY D 217 13.12 11.07 -17.97
CA GLY D 217 12.27 10.05 -17.37
C GLY D 217 11.22 9.42 -18.28
N PHE D 218 10.37 10.26 -18.90
CA PHE D 218 9.37 9.76 -19.84
C PHE D 218 9.96 9.19 -21.13
N SER D 219 10.98 9.85 -21.67
CA SER D 219 11.60 9.41 -22.91
C SER D 219 12.40 8.12 -22.81
N GLU D 220 13.18 7.99 -21.74
CA GLU D 220 13.76 6.70 -21.36
C GLU D 220 12.68 5.63 -21.25
N THR D 221 11.59 5.96 -20.57
CA THR D 221 10.71 4.96 -19.98
C THR D 221 9.68 4.47 -21.00
N LEU D 222 9.38 5.32 -21.97
CA LEU D 222 8.34 5.02 -22.95
C LEU D 222 8.93 4.67 -24.30
N HIS D 223 10.25 4.77 -24.41
CA HIS D 223 10.94 4.48 -25.66
C HIS D 223 10.53 5.45 -26.77
N ILE D 224 10.53 6.74 -26.43
CA ILE D 224 10.32 7.78 -27.43
C ILE D 224 11.24 8.99 -27.25
N ASP D 225 11.88 9.40 -28.34
CA ASP D 225 12.72 10.60 -28.38
C ASP D 225 11.86 11.85 -28.65
N PHE D 226 11.61 12.62 -27.60
CA PHE D 226 10.80 13.83 -27.73
C PHE D 226 11.62 15.00 -28.24
N ARG D 227 11.24 15.51 -29.41
CA ARG D 227 11.87 16.71 -29.95
C ARG D 227 10.91 17.90 -29.95
N GLU D 228 11.41 19.06 -29.55
CA GLU D 228 10.56 20.22 -29.34
C GLU D 228 9.79 20.58 -30.61
N ASP D 229 8.47 20.74 -30.47
CA ASP D 229 7.64 21.15 -31.59
C ASP D 229 6.60 22.19 -31.16
N THR D 230 5.94 22.80 -32.14
CA THR D 230 4.90 23.77 -31.86
C THR D 230 3.53 23.24 -32.28
N ILE D 231 2.48 23.79 -31.65
CA ILE D 231 1.11 23.37 -31.95
C ILE D 231 0.84 23.44 -33.45
N THR D 232 -0.07 22.59 -33.92
CA THR D 232 -0.40 22.52 -35.33
C THR D 232 -1.60 23.39 -35.66
N GLU D 233 -1.74 23.75 -36.93
CA GLU D 233 -2.86 24.56 -37.38
C GLU D 233 -4.20 23.91 -37.03
N LYS D 234 -4.33 22.64 -37.37
CA LYS D 234 -5.54 21.88 -37.04
C LYS D 234 -5.83 21.79 -35.54
N GLU D 235 -4.78 21.57 -34.74
CA GLU D 235 -4.91 21.51 -33.29
C GLU D 235 -5.20 22.88 -32.68
N GLU D 236 -4.58 23.92 -33.26
CA GLU D 236 -4.70 25.31 -32.77
C GLU D 236 -6.09 25.93 -32.96
N SER D 237 -6.68 25.70 -34.13
CA SER D 237 -8.03 26.18 -34.41
C SER D 237 -9.06 25.47 -33.55
N LEU D 238 -8.80 24.21 -33.23
CA LEU D 238 -9.79 23.36 -32.58
C LEU D 238 -9.76 23.55 -31.07
N ALA D 239 -8.66 24.13 -30.56
CA ALA D 239 -8.63 24.64 -29.21
C ALA D 239 -9.41 25.93 -29.12
N ARG D 240 -9.06 26.89 -29.97
CA ARG D 240 -9.77 28.16 -30.03
C ARG D 240 -11.28 27.94 -30.13
N GLU D 241 -11.68 26.97 -30.95
CA GLU D 241 -13.10 26.66 -31.15
C GLU D 241 -13.71 26.07 -29.89
N LEU D 242 -12.95 25.22 -29.21
CA LEU D 242 -13.42 24.60 -27.98
C LEU D 242 -13.55 25.62 -26.85
N PHE D 243 -12.61 26.55 -26.79
CA PHE D 243 -12.62 27.58 -25.76
C PHE D 243 -13.70 28.62 -26.02
N ASP D 244 -13.79 29.08 -27.27
CA ASP D 244 -14.84 30.00 -27.67
C ASP D 244 -16.22 29.46 -27.30
N LYS D 245 -16.47 28.21 -27.67
CA LYS D 245 -17.82 27.65 -27.64
C LYS D 245 -18.09 26.91 -26.33
N LYS D 246 -17.03 26.38 -25.73
CA LYS D 246 -17.15 25.60 -24.51
C LYS D 246 -16.47 26.28 -23.34
N TYR D 247 -15.16 26.09 -23.21
CA TYR D 247 -14.45 26.34 -21.96
C TYR D 247 -14.56 27.76 -21.41
N SER D 248 -14.92 28.70 -22.27
CA SER D 248 -14.95 30.12 -21.90
C SER D 248 -16.29 30.50 -21.28
N THR D 249 -17.24 29.57 -21.31
CA THR D 249 -18.58 29.82 -20.80
C THR D 249 -18.68 29.48 -19.32
N GLU D 250 -19.57 30.17 -18.61
CA GLU D 250 -19.96 29.75 -17.27
C GLU D 250 -20.95 28.61 -17.30
N GLU D 251 -21.79 28.58 -18.34
CA GLU D 251 -22.51 27.37 -18.71
C GLU D 251 -21.67 26.13 -18.49
N TRP D 252 -20.66 25.95 -19.33
CA TRP D 252 -19.76 24.79 -19.22
C TRP D 252 -19.12 24.65 -17.84
N ASN D 253 -18.50 25.73 -17.38
CA ASN D 253 -17.69 25.69 -16.17
C ASN D 253 -18.53 25.51 -14.91
N MET D 254 -19.59 26.30 -14.80
CA MET D 254 -20.44 26.30 -13.62
C MET D 254 -21.51 25.21 -13.70
N GLY D 255 -21.78 24.75 -14.91
CA GLY D 255 -22.84 23.77 -15.13
C GLY D 255 -24.22 24.37 -14.98
N LEU D 256 -24.43 25.53 -15.59
CA LEU D 256 -25.57 26.38 -15.27
C LEU D 256 -26.94 25.93 -15.79
N LEU D 257 -26.96 25.32 -16.96
CA LEU D 257 -28.24 25.01 -17.62
C LEU D 257 -28.82 26.28 -18.24
#